data_2B8I
# 
_entry.id   2B8I 
# 
_audit_conform.dict_name       mmcif_pdbx.dic 
_audit_conform.dict_version    5.388 
_audit_conform.dict_location   http://mmcif.pdb.org/dictionaries/ascii/mmcif_pdbx.dic 
# 
loop_
_database_2.database_id 
_database_2.database_code 
_database_2.pdbx_database_accession 
_database_2.pdbx_DOI 
PDB   2B8I         pdb_00002b8i 10.2210/pdb2b8i/pdb 
RCSB  RCSB034807   ?            ?                   
WWPDB D_1000034807 ?            ?                   
# 
loop_
_pdbx_audit_revision_history.ordinal 
_pdbx_audit_revision_history.data_content_type 
_pdbx_audit_revision_history.major_revision 
_pdbx_audit_revision_history.minor_revision 
_pdbx_audit_revision_history.revision_date 
1 'Structure model' 1 0 2006-02-14 
2 'Structure model' 1 1 2008-05-01 
3 'Structure model' 1 2 2011-07-13 
4 'Structure model' 1 3 2024-03-13 
# 
_pdbx_audit_revision_details.ordinal             1 
_pdbx_audit_revision_details.revision_ordinal    1 
_pdbx_audit_revision_details.data_content_type   'Structure model' 
_pdbx_audit_revision_details.provider            repository 
_pdbx_audit_revision_details.type                'Initial release' 
_pdbx_audit_revision_details.description         ? 
_pdbx_audit_revision_details.details             ? 
# 
loop_
_pdbx_audit_revision_group.ordinal 
_pdbx_audit_revision_group.revision_ordinal 
_pdbx_audit_revision_group.data_content_type 
_pdbx_audit_revision_group.group 
1 2 'Structure model' 'Version format compliance' 
2 3 'Structure model' 'Version format compliance' 
3 4 'Structure model' 'Data collection'           
4 4 'Structure model' 'Database references'       
# 
loop_
_pdbx_audit_revision_category.ordinal 
_pdbx_audit_revision_category.revision_ordinal 
_pdbx_audit_revision_category.data_content_type 
_pdbx_audit_revision_category.category 
1 4 'Structure model' chem_comp_atom     
2 4 'Structure model' chem_comp_bond     
3 4 'Structure model' database_2         
4 4 'Structure model' struct_ref_seq_dif 
# 
loop_
_pdbx_audit_revision_item.ordinal 
_pdbx_audit_revision_item.revision_ordinal 
_pdbx_audit_revision_item.data_content_type 
_pdbx_audit_revision_item.item 
1 4 'Structure model' '_database_2.pdbx_DOI'                
2 4 'Structure model' '_database_2.pdbx_database_accession' 
3 4 'Structure model' '_struct_ref_seq_dif.details'         
# 
_pdbx_database_status.status_code                     REL 
_pdbx_database_status.entry_id                        2B8I 
_pdbx_database_status.recvd_initial_deposition_date   2005-10-07 
_pdbx_database_status.deposit_site                    RCSB 
_pdbx_database_status.process_site                    PDBJ 
_pdbx_database_status.status_code_sf                  REL 
_pdbx_database_status.status_code_mr                  ? 
_pdbx_database_status.SG_entry                        ? 
_pdbx_database_status.pdb_format_compatible           Y 
_pdbx_database_status.status_code_cs                  ? 
_pdbx_database_status.status_code_nmr_data            ? 
_pdbx_database_status.methods_development_category    ? 
# 
loop_
_audit_author.name 
_audit_author.pdbx_ordinal 
'Lee, J.H.'  1  
'Yang, S.T.' 2  
'Rho, S.H.'  3  
'Im, Y.J.'   4  
'Kim, S.Y.'  5  
'Kim, Y.R.'  6  
'Kim, M.K.'  7  
'Kang, G.B.' 8  
'Kim, J.I.'  9  
'Rhee, J.H.' 10 
'Eom, S.H.'  11 
# 
_citation.id                        primary 
_citation.title                     
'Crystal structure and functional studies reveal that PAS factor from Vibrio vulnificus is a novel member of the saposin-fold family' 
_citation.journal_abbrev            J.Mol.Biol. 
_citation.journal_volume            355 
_citation.page_first                491 
_citation.page_last                 500 
_citation.year                      2006 
_citation.journal_id_ASTM           JMOBAK 
_citation.country                   UK 
_citation.journal_id_ISSN           0022-2836 
_citation.journal_id_CSD            0070 
_citation.book_publisher            ? 
_citation.pdbx_database_id_PubMed   16318855 
_citation.pdbx_database_id_DOI      10.1016/j.jmb.2005.10.074 
# 
loop_
_citation_author.citation_id 
_citation_author.name 
_citation_author.ordinal 
_citation_author.identifier_ORCID 
primary 'Lee, J.H.'  1  ? 
primary 'Yang, S.T.' 2  ? 
primary 'Rho, S.H.'  3  ? 
primary 'Im, Y.J.'   4  ? 
primary 'Kim, S.Y.'  5  ? 
primary 'Kim, Y.R.'  6  ? 
primary 'Kim, M.K.'  7  ? 
primary 'Kang, G.B.' 8  ? 
primary 'Kim, J.I.'  9  ? 
primary 'Rhee, J.H.' 10 ? 
primary 'Eom, S.H.'  11 ? 
# 
loop_
_entity.id 
_entity.type 
_entity.src_method 
_entity.pdbx_description 
_entity.formula_weight 
_entity.pdbx_number_of_molecules 
_entity.pdbx_ec 
_entity.pdbx_mutation 
_entity.pdbx_fragment 
_entity.details 
1 polymer man 'PAS factor' 8571.657 1  ? ? ? ? 
2 water   nat water        18.015   29 ? ? ? ? 
# 
_entity_poly.entity_id                      1 
_entity_poly.type                           'polypeptide(L)' 
_entity_poly.nstd_linkage                   no 
_entity_poly.nstd_monomer                   no 
_entity_poly.pdbx_seq_one_letter_code       IRPYMKALIYETLVNLANQDPEQHATIRQNLYEQLDLPFDKQLALYAGALGPASSGKLENHEAISNAVDSVVQLLEI 
_entity_poly.pdbx_seq_one_letter_code_can   IRPYMKALIYETLVNLANQDPEQHATIRQNLYEQLDLPFDKQLALYAGALGPASSGKLENHEAISNAVDSVVQLLEI 
_entity_poly.pdbx_strand_id                 A 
_entity_poly.pdbx_target_identifier         ? 
# 
_pdbx_entity_nonpoly.entity_id   2 
_pdbx_entity_nonpoly.name        water 
_pdbx_entity_nonpoly.comp_id     HOH 
# 
loop_
_entity_poly_seq.entity_id 
_entity_poly_seq.num 
_entity_poly_seq.mon_id 
_entity_poly_seq.hetero 
1 1  ILE n 
1 2  ARG n 
1 3  PRO n 
1 4  TYR n 
1 5  MET n 
1 6  LYS n 
1 7  ALA n 
1 8  LEU n 
1 9  ILE n 
1 10 TYR n 
1 11 GLU n 
1 12 THR n 
1 13 LEU n 
1 14 VAL n 
1 15 ASN n 
1 16 LEU n 
1 17 ALA n 
1 18 ASN n 
1 19 GLN n 
1 20 ASP n 
1 21 PRO n 
1 22 GLU n 
1 23 GLN n 
1 24 HIS n 
1 25 ALA n 
1 26 THR n 
1 27 ILE n 
1 28 ARG n 
1 29 GLN n 
1 30 ASN n 
1 31 LEU n 
1 32 TYR n 
1 33 GLU n 
1 34 GLN n 
1 35 LEU n 
1 36 ASP n 
1 37 LEU n 
1 38 PRO n 
1 39 PHE n 
1 40 ASP n 
1 41 LYS n 
1 42 GLN n 
1 43 LEU n 
1 44 ALA n 
1 45 LEU n 
1 46 TYR n 
1 47 ALA n 
1 48 GLY n 
1 49 ALA n 
1 50 LEU n 
1 51 GLY n 
1 52 PRO n 
1 53 ALA n 
1 54 SER n 
1 55 SER n 
1 56 GLY n 
1 57 LYS n 
1 58 LEU n 
1 59 GLU n 
1 60 ASN n 
1 61 HIS n 
1 62 GLU n 
1 63 ALA n 
1 64 ILE n 
1 65 SER n 
1 66 ASN n 
1 67 ALA n 
1 68 VAL n 
1 69 ASP n 
1 70 SER n 
1 71 VAL n 
1 72 VAL n 
1 73 GLN n 
1 74 LEU n 
1 75 LEU n 
1 76 GLU n 
1 77 ILE n 
# 
_entity_src_gen.entity_id                          1 
_entity_src_gen.pdbx_src_id                        1 
_entity_src_gen.pdbx_alt_source_flag               sample 
_entity_src_gen.pdbx_seq_type                      ? 
_entity_src_gen.pdbx_beg_seq_num                   ? 
_entity_src_gen.pdbx_end_seq_num                   ? 
_entity_src_gen.gene_src_common_name               ? 
_entity_src_gen.gene_src_genus                     Vibrio 
_entity_src_gen.pdbx_gene_src_gene                 ? 
_entity_src_gen.gene_src_species                   ? 
_entity_src_gen.gene_src_strain                    ? 
_entity_src_gen.gene_src_tissue                    ? 
_entity_src_gen.gene_src_tissue_fraction           ? 
_entity_src_gen.gene_src_details                   ? 
_entity_src_gen.pdbx_gene_src_fragment             ? 
_entity_src_gen.pdbx_gene_src_scientific_name      'Vibrio vulnificus' 
_entity_src_gen.pdbx_gene_src_ncbi_taxonomy_id     672 
_entity_src_gen.pdbx_gene_src_variant              ? 
_entity_src_gen.pdbx_gene_src_cell_line            ? 
_entity_src_gen.pdbx_gene_src_atcc                 ? 
_entity_src_gen.pdbx_gene_src_organ                ? 
_entity_src_gen.pdbx_gene_src_organelle            ? 
_entity_src_gen.pdbx_gene_src_cell                 ? 
_entity_src_gen.pdbx_gene_src_cellular_location    ? 
_entity_src_gen.host_org_common_name               ? 
_entity_src_gen.pdbx_host_org_scientific_name      'Escherichia coli BL21(DE3)' 
_entity_src_gen.pdbx_host_org_ncbi_taxonomy_id     469008 
_entity_src_gen.host_org_genus                     Escherichia 
_entity_src_gen.pdbx_host_org_gene                 ? 
_entity_src_gen.pdbx_host_org_organ                ? 
_entity_src_gen.host_org_species                   'Escherichia coli' 
_entity_src_gen.pdbx_host_org_tissue               ? 
_entity_src_gen.pdbx_host_org_tissue_fraction      ? 
_entity_src_gen.pdbx_host_org_strain               'BL21(DE3)' 
_entity_src_gen.pdbx_host_org_variant              ? 
_entity_src_gen.pdbx_host_org_cell_line            ? 
_entity_src_gen.pdbx_host_org_atcc                 ? 
_entity_src_gen.pdbx_host_org_culture_collection   ? 
_entity_src_gen.pdbx_host_org_cell                 ? 
_entity_src_gen.pdbx_host_org_organelle            ? 
_entity_src_gen.pdbx_host_org_cellular_location    ? 
_entity_src_gen.pdbx_host_org_vector_type          ? 
_entity_src_gen.pdbx_host_org_vector               plasmid 
_entity_src_gen.host_org_details                   ? 
_entity_src_gen.expression_system_id               ? 
_entity_src_gen.plasmid_name                       pGEX4T-1 
_entity_src_gen.plasmid_details                    ? 
_entity_src_gen.pdbx_description                   ? 
# 
loop_
_chem_comp.id 
_chem_comp.type 
_chem_comp.mon_nstd_flag 
_chem_comp.name 
_chem_comp.pdbx_synonyms 
_chem_comp.formula 
_chem_comp.formula_weight 
ALA 'L-peptide linking' y ALANINE         ? 'C3 H7 N O2'     89.093  
ARG 'L-peptide linking' y ARGININE        ? 'C6 H15 N4 O2 1' 175.209 
ASN 'L-peptide linking' y ASPARAGINE      ? 'C4 H8 N2 O3'    132.118 
ASP 'L-peptide linking' y 'ASPARTIC ACID' ? 'C4 H7 N O4'     133.103 
GLN 'L-peptide linking' y GLUTAMINE       ? 'C5 H10 N2 O3'   146.144 
GLU 'L-peptide linking' y 'GLUTAMIC ACID' ? 'C5 H9 N O4'     147.129 
GLY 'peptide linking'   y GLYCINE         ? 'C2 H5 N O2'     75.067  
HIS 'L-peptide linking' y HISTIDINE       ? 'C6 H10 N3 O2 1' 156.162 
HOH non-polymer         . WATER           ? 'H2 O'           18.015  
ILE 'L-peptide linking' y ISOLEUCINE      ? 'C6 H13 N O2'    131.173 
LEU 'L-peptide linking' y LEUCINE         ? 'C6 H13 N O2'    131.173 
LYS 'L-peptide linking' y LYSINE          ? 'C6 H15 N2 O2 1' 147.195 
MET 'L-peptide linking' y METHIONINE      ? 'C5 H11 N O2 S'  149.211 
PHE 'L-peptide linking' y PHENYLALANINE   ? 'C9 H11 N O2'    165.189 
PRO 'L-peptide linking' y PROLINE         ? 'C5 H9 N O2'     115.130 
SER 'L-peptide linking' y SERINE          ? 'C3 H7 N O3'     105.093 
THR 'L-peptide linking' y THREONINE       ? 'C4 H9 N O3'     119.119 
TYR 'L-peptide linking' y TYROSINE        ? 'C9 H11 N O3'    181.189 
VAL 'L-peptide linking' y VALINE          ? 'C5 H11 N O2'    117.146 
# 
loop_
_pdbx_poly_seq_scheme.asym_id 
_pdbx_poly_seq_scheme.entity_id 
_pdbx_poly_seq_scheme.seq_id 
_pdbx_poly_seq_scheme.mon_id 
_pdbx_poly_seq_scheme.ndb_seq_num 
_pdbx_poly_seq_scheme.pdb_seq_num 
_pdbx_poly_seq_scheme.auth_seq_num 
_pdbx_poly_seq_scheme.pdb_mon_id 
_pdbx_poly_seq_scheme.auth_mon_id 
_pdbx_poly_seq_scheme.pdb_strand_id 
_pdbx_poly_seq_scheme.pdb_ins_code 
_pdbx_poly_seq_scheme.hetero 
A 1 1  ILE 1  1  1  ILE ILE A . n 
A 1 2  ARG 2  2  2  ARG ARG A . n 
A 1 3  PRO 3  3  3  PRO PRO A . n 
A 1 4  TYR 4  4  4  TYR TYR A . n 
A 1 5  MET 5  5  5  MET MET A . n 
A 1 6  LYS 6  6  6  LYS LYS A . n 
A 1 7  ALA 7  7  7  ALA ALA A . n 
A 1 8  LEU 8  8  8  LEU LEU A . n 
A 1 9  ILE 9  9  9  ILE ILE A . n 
A 1 10 TYR 10 10 10 TYR TYR A . n 
A 1 11 GLU 11 11 11 GLU GLU A . n 
A 1 12 THR 12 12 12 THR THR A . n 
A 1 13 LEU 13 13 13 LEU LEU A . n 
A 1 14 VAL 14 14 14 VAL VAL A . n 
A 1 15 ASN 15 15 15 ASN ASN A . n 
A 1 16 LEU 16 16 16 LEU LEU A . n 
A 1 17 ALA 17 17 17 ALA ALA A . n 
A 1 18 ASN 18 18 18 ASN ASN A . n 
A 1 19 GLN 19 19 19 GLN GLN A . n 
A 1 20 ASP 20 20 20 ASP ASP A . n 
A 1 21 PRO 21 21 21 PRO PRO A . n 
A 1 22 GLU 22 22 22 GLU GLU A . n 
A 1 23 GLN 23 23 23 GLN GLN A . n 
A 1 24 HIS 24 24 24 HIS HIS A . n 
A 1 25 ALA 25 25 25 ALA ALA A . n 
A 1 26 THR 26 26 26 THR THR A . n 
A 1 27 ILE 27 27 27 ILE ILE A . n 
A 1 28 ARG 28 28 28 ARG ARG A . n 
A 1 29 GLN 29 29 29 GLN GLN A . n 
A 1 30 ASN 30 30 30 ASN ASN A . n 
A 1 31 LEU 31 31 31 LEU LEU A . n 
A 1 32 TYR 32 32 32 TYR TYR A . n 
A 1 33 GLU 33 33 33 GLU GLU A . n 
A 1 34 GLN 34 34 34 GLN GLN A . n 
A 1 35 LEU 35 35 35 LEU LEU A . n 
A 1 36 ASP 36 36 36 ASP ASP A . n 
A 1 37 LEU 37 37 37 LEU LEU A . n 
A 1 38 PRO 38 38 38 PRO PRO A . n 
A 1 39 PHE 39 39 39 PHE PHE A . n 
A 1 40 ASP 40 40 40 ASP ASP A . n 
A 1 41 LYS 41 41 41 LYS LYS A . n 
A 1 42 GLN 42 42 42 GLN GLN A . n 
A 1 43 LEU 43 43 43 LEU LEU A . n 
A 1 44 ALA 44 44 44 ALA ALA A . n 
A 1 45 LEU 45 45 45 LEU LEU A . n 
A 1 46 TYR 46 46 46 TYR TYR A . n 
A 1 47 ALA 47 47 47 ALA ALA A . n 
A 1 48 GLY 48 48 48 GLY GLY A . n 
A 1 49 ALA 49 49 49 ALA ALA A . n 
A 1 50 LEU 50 50 50 LEU LEU A . n 
A 1 51 GLY 51 51 51 GLY GLY A . n 
A 1 52 PRO 52 52 52 PRO PRO A . n 
A 1 53 ALA 53 53 53 ALA ALA A . n 
A 1 54 SER 54 54 54 SER SER A . n 
A 1 55 SER 55 55 55 SER SER A . n 
A 1 56 GLY 56 56 56 GLY GLY A . n 
A 1 57 LYS 57 57 57 LYS LYS A . n 
A 1 58 LEU 58 58 58 LEU LEU A . n 
A 1 59 GLU 59 59 59 GLU GLU A . n 
A 1 60 ASN 60 60 60 ASN ASN A . n 
A 1 61 HIS 61 61 61 HIS HIS A . n 
A 1 62 GLU 62 62 62 GLU GLU A . n 
A 1 63 ALA 63 63 63 ALA ALA A . n 
A 1 64 ILE 64 64 64 ILE ILE A . n 
A 1 65 SER 65 65 65 SER SER A . n 
A 1 66 ASN 66 66 66 ASN ASN A . n 
A 1 67 ALA 67 67 67 ALA ALA A . n 
A 1 68 VAL 68 68 68 VAL VAL A . n 
A 1 69 ASP 69 69 69 ASP ASP A . n 
A 1 70 SER 70 70 70 SER SER A . n 
A 1 71 VAL 71 71 71 VAL VAL A . n 
A 1 72 VAL 72 72 72 VAL VAL A . n 
A 1 73 GLN 73 73 73 GLN GLN A . n 
A 1 74 LEU 74 74 74 LEU LEU A . n 
A 1 75 LEU 75 75 75 LEU LEU A . n 
A 1 76 GLU 76 76 76 GLU GLU A . n 
A 1 77 ILE 77 77 77 ILE ILE A . n 
# 
loop_
_pdbx_nonpoly_scheme.asym_id 
_pdbx_nonpoly_scheme.entity_id 
_pdbx_nonpoly_scheme.mon_id 
_pdbx_nonpoly_scheme.ndb_seq_num 
_pdbx_nonpoly_scheme.pdb_seq_num 
_pdbx_nonpoly_scheme.auth_seq_num 
_pdbx_nonpoly_scheme.pdb_mon_id 
_pdbx_nonpoly_scheme.auth_mon_id 
_pdbx_nonpoly_scheme.pdb_strand_id 
_pdbx_nonpoly_scheme.pdb_ins_code 
B 2 HOH 1  78  1  HOH TIP A . 
B 2 HOH 2  79  2  HOH TIP A . 
B 2 HOH 3  80  3  HOH TIP A . 
B 2 HOH 4  81  4  HOH TIP A . 
B 2 HOH 5  82  5  HOH TIP A . 
B 2 HOH 6  83  6  HOH TIP A . 
B 2 HOH 7  84  7  HOH TIP A . 
B 2 HOH 8  85  8  HOH TIP A . 
B 2 HOH 9  86  9  HOH TIP A . 
B 2 HOH 10 87  10 HOH TIP A . 
B 2 HOH 11 88  11 HOH TIP A . 
B 2 HOH 12 89  12 HOH TIP A . 
B 2 HOH 13 90  13 HOH TIP A . 
B 2 HOH 14 91  14 HOH TIP A . 
B 2 HOH 15 92  15 HOH TIP A . 
B 2 HOH 16 93  16 HOH TIP A . 
B 2 HOH 17 94  17 HOH TIP A . 
B 2 HOH 18 95  18 HOH TIP A . 
B 2 HOH 19 96  19 HOH TIP A . 
B 2 HOH 20 97  20 HOH TIP A . 
B 2 HOH 21 98  21 HOH TIP A . 
B 2 HOH 22 99  22 HOH TIP A . 
B 2 HOH 23 100 23 HOH TIP A . 
B 2 HOH 24 101 24 HOH TIP A . 
B 2 HOH 25 102 25 HOH TIP A . 
B 2 HOH 26 103 26 HOH TIP A . 
B 2 HOH 27 104 27 HOH TIP A . 
B 2 HOH 28 105 28 HOH TIP A . 
B 2 HOH 29 106 29 HOH TIP A . 
# 
loop_
_software.name 
_software.classification 
_software.version 
_software.citation_id 
_software.pdbx_ordinal 
DENZO     'data reduction' .   ? 1 
SCALEPACK 'data scaling'   .   ? 2 
AMoRE     phasing          .   ? 3 
REFMAC    refinement       5.0 ? 4 
# 
_cell.entry_id           2B8I 
_cell.length_a           57.157 
_cell.length_b           75.192 
_cell.length_c           80.206 
_cell.angle_alpha        90.00 
_cell.angle_beta         90.00 
_cell.angle_gamma        90.00 
_cell.Z_PDB              16 
_cell.pdbx_unique_axis   ? 
_cell.length_a_esd       ? 
_cell.length_b_esd       ? 
_cell.length_c_esd       ? 
_cell.angle_alpha_esd    ? 
_cell.angle_beta_esd     ? 
_cell.angle_gamma_esd    ? 
# 
_symmetry.entry_id                         2B8I 
_symmetry.space_group_name_H-M             'F 2 2 2' 
_symmetry.pdbx_full_space_group_name_H-M   ? 
_symmetry.cell_setting                     ? 
_symmetry.Int_Tables_number                22 
_symmetry.space_group_name_Hall            ? 
# 
_exptl.entry_id          2B8I 
_exptl.method            'X-RAY DIFFRACTION' 
_exptl.crystals_number   1 
# 
_exptl_crystal.id                    1 
_exptl_crystal.density_meas          ? 
_exptl_crystal.density_Matthews      2.4 
_exptl_crystal.density_percent_sol   48 
_exptl_crystal.description           ? 
_exptl_crystal.F_000                 ? 
_exptl_crystal.preparation           ? 
# 
_exptl_crystal_grow.crystal_id      1 
_exptl_crystal_grow.method          'VAPOR DIFFUSION, HANGING DROP' 
_exptl_crystal_grow.temp            294 
_exptl_crystal_grow.temp_details    ? 
_exptl_crystal_grow.pH              8.5 
_exptl_crystal_grow.pdbx_details    
'0.1M Tris-HCl pH 8.5, 22% (w/v) PEG 4000, 0.2M MgCl2, VAPOR DIFFUSION, HANGING DROP, temperature 294K' 
_exptl_crystal_grow.pdbx_pH_range   . 
# 
_diffrn.id                     1 
_diffrn.ambient_temp           100 
_diffrn.ambient_temp_details   ? 
_diffrn.crystal_id             1 
# 
_diffrn_detector.diffrn_id              1 
_diffrn_detector.detector               CCD 
_diffrn_detector.type                   'ADSC QUANTUM 4' 
_diffrn_detector.pdbx_collection_date   2002-12-20 
_diffrn_detector.details                ? 
# 
_diffrn_radiation.diffrn_id                        1 
_diffrn_radiation.wavelength_id                    1 
_diffrn_radiation.pdbx_monochromatic_or_laue_m_l   M 
_diffrn_radiation.monochromator                    GRAPHITE 
_diffrn_radiation.pdbx_diffrn_protocol             'SINGLE WAVELENGTH' 
_diffrn_radiation.pdbx_scattering_type             x-ray 
# 
_diffrn_radiation_wavelength.id           1 
_diffrn_radiation_wavelength.wavelength   . 
_diffrn_radiation_wavelength.wt           1.0 
# 
_reflns.entry_id                     2B8I 
_reflns.observed_criterion_sigma_F   2.0 
_reflns.observed_criterion_sigma_I   2.0 
_reflns.d_resolution_high            1.8 
_reflns.d_resolution_low             50 
_reflns.number_all                   ? 
_reflns.number_obs                   7767 
_reflns.percent_possible_obs         96 
_reflns.pdbx_Rmerge_I_obs            ? 
_reflns.pdbx_Rsym_value              ? 
_reflns.pdbx_netI_over_sigmaI        ? 
_reflns.B_iso_Wilson_estimate        ? 
_reflns.pdbx_redundancy              ? 
_reflns.R_free_details               ? 
_reflns.limit_h_max                  ? 
_reflns.limit_h_min                  ? 
_reflns.limit_k_max                  ? 
_reflns.limit_k_min                  ? 
_reflns.limit_l_max                  ? 
_reflns.limit_l_min                  ? 
_reflns.observed_criterion_F_max     ? 
_reflns.observed_criterion_F_min     ? 
_reflns.pdbx_chi_squared             ? 
_reflns.pdbx_scaling_rejects         ? 
_reflns.pdbx_diffrn_id               1 
_reflns.pdbx_ordinal                 1 
# 
_reflns_shell.d_res_high             1.8 
_reflns_shell.d_res_low              1.86 
_reflns_shell.percent_possible_all   92.0 
_reflns_shell.Rmerge_I_obs           ? 
_reflns_shell.pdbx_Rsym_value        ? 
_reflns_shell.meanI_over_sigI_obs    ? 
_reflns_shell.pdbx_redundancy        ? 
_reflns_shell.percent_possible_obs   ? 
_reflns_shell.number_unique_all      ? 
_reflns_shell.number_measured_all    ? 
_reflns_shell.number_measured_obs    ? 
_reflns_shell.number_unique_obs      ? 
_reflns_shell.pdbx_chi_squared       ? 
_reflns_shell.pdbx_diffrn_id         ? 
_reflns_shell.pdbx_ordinal           1 
# 
_refine.entry_id                                 2B8I 
_refine.ls_d_res_high                            1.8 
_refine.ls_d_res_low                             25 
_refine.pdbx_ls_sigma_F                          1 
_refine.pdbx_ls_sigma_I                          ? 
_refine.ls_number_reflns_all                     ? 
_refine.ls_number_reflns_obs                     7141 
_refine.ls_number_reflns_R_free                  162 
_refine.ls_percent_reflns_obs                    ? 
_refine.ls_R_factor_all                          0.201 
_refine.ls_R_factor_obs                          0.2 
_refine.ls_R_factor_R_work                       0.199 
_refine.ls_R_factor_R_free                       0.232 
_refine.ls_redundancy_reflns_obs                 ? 
_refine.pdbx_data_cutoff_high_absF               ? 
_refine.pdbx_data_cutoff_low_absF                ? 
_refine.ls_number_parameters                     ? 
_refine.ls_number_restraints                     ? 
_refine.ls_percent_reflns_R_free                 ? 
_refine.ls_R_factor_R_free_error                 ? 
_refine.ls_R_factor_R_free_error_details         ? 
_refine.pdbx_method_to_determine_struct          'MOLECULAR REPLACEMENT' 
_refine.pdbx_starting_model                      ? 
_refine.pdbx_ls_cross_valid_method               ? 
_refine.pdbx_R_Free_selection_details            RANDOM 
_refine.pdbx_stereochem_target_val_spec_case     ? 
_refine.pdbx_stereochemistry_target_values       'Engh & Huber' 
_refine.solvent_model_details                    ? 
_refine.solvent_model_param_bsol                 ? 
_refine.solvent_model_param_ksol                 ? 
_refine.occupancy_max                            ? 
_refine.occupancy_min                            ? 
_refine.pdbx_isotropic_thermal_model             ? 
_refine.B_iso_mean                               ? 
_refine.aniso_B[1][1]                            ? 
_refine.aniso_B[1][2]                            ? 
_refine.aniso_B[1][3]                            ? 
_refine.aniso_B[2][2]                            ? 
_refine.aniso_B[2][3]                            ? 
_refine.aniso_B[3][3]                            ? 
_refine.details                                  ? 
_refine.B_iso_min                                ? 
_refine.B_iso_max                                ? 
_refine.correlation_coeff_Fo_to_Fc               ? 
_refine.correlation_coeff_Fo_to_Fc_free          ? 
_refine.pdbx_solvent_vdw_probe_radii             ? 
_refine.pdbx_solvent_ion_probe_radii             ? 
_refine.pdbx_solvent_shrinkage_radii             ? 
_refine.overall_SU_R_Cruickshank_DPI             ? 
_refine.overall_SU_R_free                        ? 
_refine.overall_SU_ML                            ? 
_refine.overall_SU_B                             ? 
_refine.pdbx_overall_ESU_R_Free                  ? 
_refine.pdbx_data_cutoff_high_rms_absF           ? 
_refine.pdbx_overall_ESU_R                       ? 
_refine.ls_wR_factor_R_free                      ? 
_refine.ls_wR_factor_R_work                      ? 
_refine.overall_FOM_free_R_set                   ? 
_refine.overall_FOM_work_R_set                   ? 
_refine.pdbx_refine_id                           'X-RAY DIFFRACTION' 
_refine.pdbx_diffrn_id                           1 
_refine.pdbx_TLS_residual_ADP_flag               ? 
_refine.pdbx_overall_phase_error                 ? 
_refine.pdbx_overall_SU_R_free_Cruickshank_DPI   ? 
_refine.pdbx_overall_SU_R_Blow_DPI               ? 
_refine.pdbx_overall_SU_R_free_Blow_DPI          ? 
# 
_refine_hist.pdbx_refine_id                   'X-RAY DIFFRACTION' 
_refine_hist.cycle_id                         LAST 
_refine_hist.pdbx_number_atoms_protein        604 
_refine_hist.pdbx_number_atoms_nucleic_acid   0 
_refine_hist.pdbx_number_atoms_ligand         0 
_refine_hist.number_atoms_solvent             29 
_refine_hist.number_atoms_total               633 
_refine_hist.d_res_high                       1.8 
_refine_hist.d_res_low                        25 
# 
_refine_ls_restr.type                      r_bond_d 
_refine_ls_restr.dev_ideal                 0.009 
_refine_ls_restr.dev_ideal_target          ? 
_refine_ls_restr.weight                    ? 
_refine_ls_restr.number                    ? 
_refine_ls_restr.pdbx_refine_id            'X-RAY DIFFRACTION' 
_refine_ls_restr.pdbx_restraint_function   ? 
# 
_struct.entry_id                  2B8I 
_struct.title                     
'Crystal Structure and Functional Studies Reveal that PAS Factor from Vibrio vulnificus is a Novel Member of the Saposin-Fold Family' 
_struct.pdbx_model_details        ? 
_struct.pdbx_CASP_flag            ? 
_struct.pdbx_model_type_details   ? 
# 
_struct_keywords.entry_id        2B8I 
_struct_keywords.pdbx_keywords   'LIPID BINDING PROTEIN' 
_struct_keywords.text            'Four helix bundle, LIPID BINDING PROTEIN' 
# 
loop_
_struct_asym.id 
_struct_asym.pdbx_blank_PDB_chainid_flag 
_struct_asym.pdbx_modified 
_struct_asym.entity_id 
_struct_asym.details 
A N N 1 ? 
B N N 2 ? 
# 
_struct_ref.id                         1 
_struct_ref.db_name                    GB 
_struct_ref.db_code                    NP_934605 
_struct_ref.pdbx_db_accession          37679996 
_struct_ref.entity_id                  1 
_struct_ref.pdbx_seq_one_letter_code   MKALIYETLVNLANQDPEQHATIRQNLYEQLDLPFDKQLALYAGALGPASSGKLENHEAISNAVDSVVQLLEI 
_struct_ref.pdbx_align_begin           1 
_struct_ref.pdbx_db_isoform            ? 
# 
_struct_ref_seq.align_id                      1 
_struct_ref_seq.ref_id                        1 
_struct_ref_seq.pdbx_PDB_id_code              2B8I 
_struct_ref_seq.pdbx_strand_id                A 
_struct_ref_seq.seq_align_beg                 5 
_struct_ref_seq.pdbx_seq_align_beg_ins_code   ? 
_struct_ref_seq.seq_align_end                 77 
_struct_ref_seq.pdbx_seq_align_end_ins_code   ? 
_struct_ref_seq.pdbx_db_accession             37679996 
_struct_ref_seq.db_align_beg                  1 
_struct_ref_seq.pdbx_db_align_beg_ins_code    ? 
_struct_ref_seq.db_align_end                  73 
_struct_ref_seq.pdbx_db_align_end_ins_code    ? 
_struct_ref_seq.pdbx_auth_seq_align_beg       5 
_struct_ref_seq.pdbx_auth_seq_align_end       77 
# 
loop_
_struct_ref_seq_dif.align_id 
_struct_ref_seq_dif.pdbx_pdb_id_code 
_struct_ref_seq_dif.mon_id 
_struct_ref_seq_dif.pdbx_pdb_strand_id 
_struct_ref_seq_dif.seq_num 
_struct_ref_seq_dif.pdbx_pdb_ins_code 
_struct_ref_seq_dif.pdbx_seq_db_name 
_struct_ref_seq_dif.pdbx_seq_db_accession_code 
_struct_ref_seq_dif.db_mon_id 
_struct_ref_seq_dif.pdbx_seq_db_seq_num 
_struct_ref_seq_dif.details 
_struct_ref_seq_dif.pdbx_auth_seq_num 
_struct_ref_seq_dif.pdbx_ordinal 
1 2B8I ILE A 1 ? GB 37679996 ? ? 'cloning artifact' 1 1 
1 2B8I ARG A 2 ? GB 37679996 ? ? 'cloning artifact' 2 2 
1 2B8I PRO A 3 ? GB 37679996 ? ? 'cloning artifact' 3 3 
1 2B8I TYR A 4 ? GB 37679996 ? ? 'cloning artifact' 4 4 
# 
_pdbx_struct_assembly.id                   1 
_pdbx_struct_assembly.details              author_defined_assembly 
_pdbx_struct_assembly.method_details       ? 
_pdbx_struct_assembly.oligomeric_details   monomeric 
_pdbx_struct_assembly.oligomeric_count     1 
# 
_pdbx_struct_assembly_gen.assembly_id       1 
_pdbx_struct_assembly_gen.oper_expression   1 
_pdbx_struct_assembly_gen.asym_id_list      A,B 
# 
_pdbx_struct_oper_list.id                   1 
_pdbx_struct_oper_list.type                 'identity operation' 
_pdbx_struct_oper_list.name                 1_555 
_pdbx_struct_oper_list.symmetry_operation   x,y,z 
_pdbx_struct_oper_list.matrix[1][1]         1.0000000000 
_pdbx_struct_oper_list.matrix[1][2]         0.0000000000 
_pdbx_struct_oper_list.matrix[1][3]         0.0000000000 
_pdbx_struct_oper_list.vector[1]            0.0000000000 
_pdbx_struct_oper_list.matrix[2][1]         0.0000000000 
_pdbx_struct_oper_list.matrix[2][2]         1.0000000000 
_pdbx_struct_oper_list.matrix[2][3]         0.0000000000 
_pdbx_struct_oper_list.vector[2]            0.0000000000 
_pdbx_struct_oper_list.matrix[3][1]         0.0000000000 
_pdbx_struct_oper_list.matrix[3][2]         0.0000000000 
_pdbx_struct_oper_list.matrix[3][3]         1.0000000000 
_pdbx_struct_oper_list.vector[3]            0.0000000000 
# 
_struct_biol.id                    1 
_struct_biol.pdbx_parent_biol_id   ? 
_struct_biol.details               ? 
# 
loop_
_struct_conf.conf_type_id 
_struct_conf.id 
_struct_conf.pdbx_PDB_helix_id 
_struct_conf.beg_label_comp_id 
_struct_conf.beg_label_asym_id 
_struct_conf.beg_label_seq_id 
_struct_conf.pdbx_beg_PDB_ins_code 
_struct_conf.end_label_comp_id 
_struct_conf.end_label_asym_id 
_struct_conf.end_label_seq_id 
_struct_conf.pdbx_end_PDB_ins_code 
_struct_conf.beg_auth_comp_id 
_struct_conf.beg_auth_asym_id 
_struct_conf.beg_auth_seq_id 
_struct_conf.end_auth_comp_id 
_struct_conf.end_auth_asym_id 
_struct_conf.end_auth_seq_id 
_struct_conf.pdbx_PDB_helix_class 
_struct_conf.details 
_struct_conf.pdbx_PDB_helix_length 
HELX_P HELX_P1 1 ARG A 2  ? GLN A 19 ? ARG A 2  GLN A 19 1 ? 18 
HELX_P HELX_P2 2 ASP A 20 ? GLU A 22 ? ASP A 20 GLU A 22 5 ? 3  
HELX_P HELX_P3 3 GLN A 23 ? ASP A 36 ? GLN A 23 ASP A 36 1 ? 14 
HELX_P HELX_P4 4 PRO A 38 ? ALA A 49 ? PRO A 38 ALA A 49 1 ? 12 
HELX_P HELX_P5 5 ALA A 49 ? SER A 55 ? ALA A 49 SER A 55 1 ? 7  
HELX_P HELX_P6 6 ASN A 60 ? GLU A 76 ? ASN A 60 GLU A 76 1 ? 17 
# 
_struct_conf_type.id          HELX_P 
_struct_conf_type.criteria    ? 
_struct_conf_type.reference   ? 
# 
loop_
_pdbx_validate_torsion.id 
_pdbx_validate_torsion.PDB_model_num 
_pdbx_validate_torsion.auth_comp_id 
_pdbx_validate_torsion.auth_asym_id 
_pdbx_validate_torsion.auth_seq_id 
_pdbx_validate_torsion.PDB_ins_code 
_pdbx_validate_torsion.label_alt_id 
_pdbx_validate_torsion.phi 
_pdbx_validate_torsion.psi 
1 1 ALA A 49 ? ? -139.30 -51.68  
2 1 LEU A 58 ? ? -112.50 -103.65 
3 1 GLU A 59 ? ? 58.84   3.17    
# 
loop_
_chem_comp_atom.comp_id 
_chem_comp_atom.atom_id 
_chem_comp_atom.type_symbol 
_chem_comp_atom.pdbx_aromatic_flag 
_chem_comp_atom.pdbx_stereo_config 
_chem_comp_atom.pdbx_ordinal 
ALA N    N N N 1   
ALA CA   C N S 2   
ALA C    C N N 3   
ALA O    O N N 4   
ALA CB   C N N 5   
ALA OXT  O N N 6   
ALA H    H N N 7   
ALA H2   H N N 8   
ALA HA   H N N 9   
ALA HB1  H N N 10  
ALA HB2  H N N 11  
ALA HB3  H N N 12  
ALA HXT  H N N 13  
ARG N    N N N 14  
ARG CA   C N S 15  
ARG C    C N N 16  
ARG O    O N N 17  
ARG CB   C N N 18  
ARG CG   C N N 19  
ARG CD   C N N 20  
ARG NE   N N N 21  
ARG CZ   C N N 22  
ARG NH1  N N N 23  
ARG NH2  N N N 24  
ARG OXT  O N N 25  
ARG H    H N N 26  
ARG H2   H N N 27  
ARG HA   H N N 28  
ARG HB2  H N N 29  
ARG HB3  H N N 30  
ARG HG2  H N N 31  
ARG HG3  H N N 32  
ARG HD2  H N N 33  
ARG HD3  H N N 34  
ARG HE   H N N 35  
ARG HH11 H N N 36  
ARG HH12 H N N 37  
ARG HH21 H N N 38  
ARG HH22 H N N 39  
ARG HXT  H N N 40  
ASN N    N N N 41  
ASN CA   C N S 42  
ASN C    C N N 43  
ASN O    O N N 44  
ASN CB   C N N 45  
ASN CG   C N N 46  
ASN OD1  O N N 47  
ASN ND2  N N N 48  
ASN OXT  O N N 49  
ASN H    H N N 50  
ASN H2   H N N 51  
ASN HA   H N N 52  
ASN HB2  H N N 53  
ASN HB3  H N N 54  
ASN HD21 H N N 55  
ASN HD22 H N N 56  
ASN HXT  H N N 57  
ASP N    N N N 58  
ASP CA   C N S 59  
ASP C    C N N 60  
ASP O    O N N 61  
ASP CB   C N N 62  
ASP CG   C N N 63  
ASP OD1  O N N 64  
ASP OD2  O N N 65  
ASP OXT  O N N 66  
ASP H    H N N 67  
ASP H2   H N N 68  
ASP HA   H N N 69  
ASP HB2  H N N 70  
ASP HB3  H N N 71  
ASP HD2  H N N 72  
ASP HXT  H N N 73  
GLN N    N N N 74  
GLN CA   C N S 75  
GLN C    C N N 76  
GLN O    O N N 77  
GLN CB   C N N 78  
GLN CG   C N N 79  
GLN CD   C N N 80  
GLN OE1  O N N 81  
GLN NE2  N N N 82  
GLN OXT  O N N 83  
GLN H    H N N 84  
GLN H2   H N N 85  
GLN HA   H N N 86  
GLN HB2  H N N 87  
GLN HB3  H N N 88  
GLN HG2  H N N 89  
GLN HG3  H N N 90  
GLN HE21 H N N 91  
GLN HE22 H N N 92  
GLN HXT  H N N 93  
GLU N    N N N 94  
GLU CA   C N S 95  
GLU C    C N N 96  
GLU O    O N N 97  
GLU CB   C N N 98  
GLU CG   C N N 99  
GLU CD   C N N 100 
GLU OE1  O N N 101 
GLU OE2  O N N 102 
GLU OXT  O N N 103 
GLU H    H N N 104 
GLU H2   H N N 105 
GLU HA   H N N 106 
GLU HB2  H N N 107 
GLU HB3  H N N 108 
GLU HG2  H N N 109 
GLU HG3  H N N 110 
GLU HE2  H N N 111 
GLU HXT  H N N 112 
GLY N    N N N 113 
GLY CA   C N N 114 
GLY C    C N N 115 
GLY O    O N N 116 
GLY OXT  O N N 117 
GLY H    H N N 118 
GLY H2   H N N 119 
GLY HA2  H N N 120 
GLY HA3  H N N 121 
GLY HXT  H N N 122 
HIS N    N N N 123 
HIS CA   C N S 124 
HIS C    C N N 125 
HIS O    O N N 126 
HIS CB   C N N 127 
HIS CG   C Y N 128 
HIS ND1  N Y N 129 
HIS CD2  C Y N 130 
HIS CE1  C Y N 131 
HIS NE2  N Y N 132 
HIS OXT  O N N 133 
HIS H    H N N 134 
HIS H2   H N N 135 
HIS HA   H N N 136 
HIS HB2  H N N 137 
HIS HB3  H N N 138 
HIS HD1  H N N 139 
HIS HD2  H N N 140 
HIS HE1  H N N 141 
HIS HE2  H N N 142 
HIS HXT  H N N 143 
HOH O    O N N 144 
HOH H1   H N N 145 
HOH H2   H N N 146 
ILE N    N N N 147 
ILE CA   C N S 148 
ILE C    C N N 149 
ILE O    O N N 150 
ILE CB   C N S 151 
ILE CG1  C N N 152 
ILE CG2  C N N 153 
ILE CD1  C N N 154 
ILE OXT  O N N 155 
ILE H    H N N 156 
ILE H2   H N N 157 
ILE HA   H N N 158 
ILE HB   H N N 159 
ILE HG12 H N N 160 
ILE HG13 H N N 161 
ILE HG21 H N N 162 
ILE HG22 H N N 163 
ILE HG23 H N N 164 
ILE HD11 H N N 165 
ILE HD12 H N N 166 
ILE HD13 H N N 167 
ILE HXT  H N N 168 
LEU N    N N N 169 
LEU CA   C N S 170 
LEU C    C N N 171 
LEU O    O N N 172 
LEU CB   C N N 173 
LEU CG   C N N 174 
LEU CD1  C N N 175 
LEU CD2  C N N 176 
LEU OXT  O N N 177 
LEU H    H N N 178 
LEU H2   H N N 179 
LEU HA   H N N 180 
LEU HB2  H N N 181 
LEU HB3  H N N 182 
LEU HG   H N N 183 
LEU HD11 H N N 184 
LEU HD12 H N N 185 
LEU HD13 H N N 186 
LEU HD21 H N N 187 
LEU HD22 H N N 188 
LEU HD23 H N N 189 
LEU HXT  H N N 190 
LYS N    N N N 191 
LYS CA   C N S 192 
LYS C    C N N 193 
LYS O    O N N 194 
LYS CB   C N N 195 
LYS CG   C N N 196 
LYS CD   C N N 197 
LYS CE   C N N 198 
LYS NZ   N N N 199 
LYS OXT  O N N 200 
LYS H    H N N 201 
LYS H2   H N N 202 
LYS HA   H N N 203 
LYS HB2  H N N 204 
LYS HB3  H N N 205 
LYS HG2  H N N 206 
LYS HG3  H N N 207 
LYS HD2  H N N 208 
LYS HD3  H N N 209 
LYS HE2  H N N 210 
LYS HE3  H N N 211 
LYS HZ1  H N N 212 
LYS HZ2  H N N 213 
LYS HZ3  H N N 214 
LYS HXT  H N N 215 
MET N    N N N 216 
MET CA   C N S 217 
MET C    C N N 218 
MET O    O N N 219 
MET CB   C N N 220 
MET CG   C N N 221 
MET SD   S N N 222 
MET CE   C N N 223 
MET OXT  O N N 224 
MET H    H N N 225 
MET H2   H N N 226 
MET HA   H N N 227 
MET HB2  H N N 228 
MET HB3  H N N 229 
MET HG2  H N N 230 
MET HG3  H N N 231 
MET HE1  H N N 232 
MET HE2  H N N 233 
MET HE3  H N N 234 
MET HXT  H N N 235 
PHE N    N N N 236 
PHE CA   C N S 237 
PHE C    C N N 238 
PHE O    O N N 239 
PHE CB   C N N 240 
PHE CG   C Y N 241 
PHE CD1  C Y N 242 
PHE CD2  C Y N 243 
PHE CE1  C Y N 244 
PHE CE2  C Y N 245 
PHE CZ   C Y N 246 
PHE OXT  O N N 247 
PHE H    H N N 248 
PHE H2   H N N 249 
PHE HA   H N N 250 
PHE HB2  H N N 251 
PHE HB3  H N N 252 
PHE HD1  H N N 253 
PHE HD2  H N N 254 
PHE HE1  H N N 255 
PHE HE2  H N N 256 
PHE HZ   H N N 257 
PHE HXT  H N N 258 
PRO N    N N N 259 
PRO CA   C N S 260 
PRO C    C N N 261 
PRO O    O N N 262 
PRO CB   C N N 263 
PRO CG   C N N 264 
PRO CD   C N N 265 
PRO OXT  O N N 266 
PRO H    H N N 267 
PRO HA   H N N 268 
PRO HB2  H N N 269 
PRO HB3  H N N 270 
PRO HG2  H N N 271 
PRO HG3  H N N 272 
PRO HD2  H N N 273 
PRO HD3  H N N 274 
PRO HXT  H N N 275 
SER N    N N N 276 
SER CA   C N S 277 
SER C    C N N 278 
SER O    O N N 279 
SER CB   C N N 280 
SER OG   O N N 281 
SER OXT  O N N 282 
SER H    H N N 283 
SER H2   H N N 284 
SER HA   H N N 285 
SER HB2  H N N 286 
SER HB3  H N N 287 
SER HG   H N N 288 
SER HXT  H N N 289 
THR N    N N N 290 
THR CA   C N S 291 
THR C    C N N 292 
THR O    O N N 293 
THR CB   C N R 294 
THR OG1  O N N 295 
THR CG2  C N N 296 
THR OXT  O N N 297 
THR H    H N N 298 
THR H2   H N N 299 
THR HA   H N N 300 
THR HB   H N N 301 
THR HG1  H N N 302 
THR HG21 H N N 303 
THR HG22 H N N 304 
THR HG23 H N N 305 
THR HXT  H N N 306 
TYR N    N N N 307 
TYR CA   C N S 308 
TYR C    C N N 309 
TYR O    O N N 310 
TYR CB   C N N 311 
TYR CG   C Y N 312 
TYR CD1  C Y N 313 
TYR CD2  C Y N 314 
TYR CE1  C Y N 315 
TYR CE2  C Y N 316 
TYR CZ   C Y N 317 
TYR OH   O N N 318 
TYR OXT  O N N 319 
TYR H    H N N 320 
TYR H2   H N N 321 
TYR HA   H N N 322 
TYR HB2  H N N 323 
TYR HB3  H N N 324 
TYR HD1  H N N 325 
TYR HD2  H N N 326 
TYR HE1  H N N 327 
TYR HE2  H N N 328 
TYR HH   H N N 329 
TYR HXT  H N N 330 
VAL N    N N N 331 
VAL CA   C N S 332 
VAL C    C N N 333 
VAL O    O N N 334 
VAL CB   C N N 335 
VAL CG1  C N N 336 
VAL CG2  C N N 337 
VAL OXT  O N N 338 
VAL H    H N N 339 
VAL H2   H N N 340 
VAL HA   H N N 341 
VAL HB   H N N 342 
VAL HG11 H N N 343 
VAL HG12 H N N 344 
VAL HG13 H N N 345 
VAL HG21 H N N 346 
VAL HG22 H N N 347 
VAL HG23 H N N 348 
VAL HXT  H N N 349 
# 
loop_
_chem_comp_bond.comp_id 
_chem_comp_bond.atom_id_1 
_chem_comp_bond.atom_id_2 
_chem_comp_bond.value_order 
_chem_comp_bond.pdbx_aromatic_flag 
_chem_comp_bond.pdbx_stereo_config 
_chem_comp_bond.pdbx_ordinal 
ALA N   CA   sing N N 1   
ALA N   H    sing N N 2   
ALA N   H2   sing N N 3   
ALA CA  C    sing N N 4   
ALA CA  CB   sing N N 5   
ALA CA  HA   sing N N 6   
ALA C   O    doub N N 7   
ALA C   OXT  sing N N 8   
ALA CB  HB1  sing N N 9   
ALA CB  HB2  sing N N 10  
ALA CB  HB3  sing N N 11  
ALA OXT HXT  sing N N 12  
ARG N   CA   sing N N 13  
ARG N   H    sing N N 14  
ARG N   H2   sing N N 15  
ARG CA  C    sing N N 16  
ARG CA  CB   sing N N 17  
ARG CA  HA   sing N N 18  
ARG C   O    doub N N 19  
ARG C   OXT  sing N N 20  
ARG CB  CG   sing N N 21  
ARG CB  HB2  sing N N 22  
ARG CB  HB3  sing N N 23  
ARG CG  CD   sing N N 24  
ARG CG  HG2  sing N N 25  
ARG CG  HG3  sing N N 26  
ARG CD  NE   sing N N 27  
ARG CD  HD2  sing N N 28  
ARG CD  HD3  sing N N 29  
ARG NE  CZ   sing N N 30  
ARG NE  HE   sing N N 31  
ARG CZ  NH1  sing N N 32  
ARG CZ  NH2  doub N N 33  
ARG NH1 HH11 sing N N 34  
ARG NH1 HH12 sing N N 35  
ARG NH2 HH21 sing N N 36  
ARG NH2 HH22 sing N N 37  
ARG OXT HXT  sing N N 38  
ASN N   CA   sing N N 39  
ASN N   H    sing N N 40  
ASN N   H2   sing N N 41  
ASN CA  C    sing N N 42  
ASN CA  CB   sing N N 43  
ASN CA  HA   sing N N 44  
ASN C   O    doub N N 45  
ASN C   OXT  sing N N 46  
ASN CB  CG   sing N N 47  
ASN CB  HB2  sing N N 48  
ASN CB  HB3  sing N N 49  
ASN CG  OD1  doub N N 50  
ASN CG  ND2  sing N N 51  
ASN ND2 HD21 sing N N 52  
ASN ND2 HD22 sing N N 53  
ASN OXT HXT  sing N N 54  
ASP N   CA   sing N N 55  
ASP N   H    sing N N 56  
ASP N   H2   sing N N 57  
ASP CA  C    sing N N 58  
ASP CA  CB   sing N N 59  
ASP CA  HA   sing N N 60  
ASP C   O    doub N N 61  
ASP C   OXT  sing N N 62  
ASP CB  CG   sing N N 63  
ASP CB  HB2  sing N N 64  
ASP CB  HB3  sing N N 65  
ASP CG  OD1  doub N N 66  
ASP CG  OD2  sing N N 67  
ASP OD2 HD2  sing N N 68  
ASP OXT HXT  sing N N 69  
GLN N   CA   sing N N 70  
GLN N   H    sing N N 71  
GLN N   H2   sing N N 72  
GLN CA  C    sing N N 73  
GLN CA  CB   sing N N 74  
GLN CA  HA   sing N N 75  
GLN C   O    doub N N 76  
GLN C   OXT  sing N N 77  
GLN CB  CG   sing N N 78  
GLN CB  HB2  sing N N 79  
GLN CB  HB3  sing N N 80  
GLN CG  CD   sing N N 81  
GLN CG  HG2  sing N N 82  
GLN CG  HG3  sing N N 83  
GLN CD  OE1  doub N N 84  
GLN CD  NE2  sing N N 85  
GLN NE2 HE21 sing N N 86  
GLN NE2 HE22 sing N N 87  
GLN OXT HXT  sing N N 88  
GLU N   CA   sing N N 89  
GLU N   H    sing N N 90  
GLU N   H2   sing N N 91  
GLU CA  C    sing N N 92  
GLU CA  CB   sing N N 93  
GLU CA  HA   sing N N 94  
GLU C   O    doub N N 95  
GLU C   OXT  sing N N 96  
GLU CB  CG   sing N N 97  
GLU CB  HB2  sing N N 98  
GLU CB  HB3  sing N N 99  
GLU CG  CD   sing N N 100 
GLU CG  HG2  sing N N 101 
GLU CG  HG3  sing N N 102 
GLU CD  OE1  doub N N 103 
GLU CD  OE2  sing N N 104 
GLU OE2 HE2  sing N N 105 
GLU OXT HXT  sing N N 106 
GLY N   CA   sing N N 107 
GLY N   H    sing N N 108 
GLY N   H2   sing N N 109 
GLY CA  C    sing N N 110 
GLY CA  HA2  sing N N 111 
GLY CA  HA3  sing N N 112 
GLY C   O    doub N N 113 
GLY C   OXT  sing N N 114 
GLY OXT HXT  sing N N 115 
HIS N   CA   sing N N 116 
HIS N   H    sing N N 117 
HIS N   H2   sing N N 118 
HIS CA  C    sing N N 119 
HIS CA  CB   sing N N 120 
HIS CA  HA   sing N N 121 
HIS C   O    doub N N 122 
HIS C   OXT  sing N N 123 
HIS CB  CG   sing N N 124 
HIS CB  HB2  sing N N 125 
HIS CB  HB3  sing N N 126 
HIS CG  ND1  sing Y N 127 
HIS CG  CD2  doub Y N 128 
HIS ND1 CE1  doub Y N 129 
HIS ND1 HD1  sing N N 130 
HIS CD2 NE2  sing Y N 131 
HIS CD2 HD2  sing N N 132 
HIS CE1 NE2  sing Y N 133 
HIS CE1 HE1  sing N N 134 
HIS NE2 HE2  sing N N 135 
HIS OXT HXT  sing N N 136 
HOH O   H1   sing N N 137 
HOH O   H2   sing N N 138 
ILE N   CA   sing N N 139 
ILE N   H    sing N N 140 
ILE N   H2   sing N N 141 
ILE CA  C    sing N N 142 
ILE CA  CB   sing N N 143 
ILE CA  HA   sing N N 144 
ILE C   O    doub N N 145 
ILE C   OXT  sing N N 146 
ILE CB  CG1  sing N N 147 
ILE CB  CG2  sing N N 148 
ILE CB  HB   sing N N 149 
ILE CG1 CD1  sing N N 150 
ILE CG1 HG12 sing N N 151 
ILE CG1 HG13 sing N N 152 
ILE CG2 HG21 sing N N 153 
ILE CG2 HG22 sing N N 154 
ILE CG2 HG23 sing N N 155 
ILE CD1 HD11 sing N N 156 
ILE CD1 HD12 sing N N 157 
ILE CD1 HD13 sing N N 158 
ILE OXT HXT  sing N N 159 
LEU N   CA   sing N N 160 
LEU N   H    sing N N 161 
LEU N   H2   sing N N 162 
LEU CA  C    sing N N 163 
LEU CA  CB   sing N N 164 
LEU CA  HA   sing N N 165 
LEU C   O    doub N N 166 
LEU C   OXT  sing N N 167 
LEU CB  CG   sing N N 168 
LEU CB  HB2  sing N N 169 
LEU CB  HB3  sing N N 170 
LEU CG  CD1  sing N N 171 
LEU CG  CD2  sing N N 172 
LEU CG  HG   sing N N 173 
LEU CD1 HD11 sing N N 174 
LEU CD1 HD12 sing N N 175 
LEU CD1 HD13 sing N N 176 
LEU CD2 HD21 sing N N 177 
LEU CD2 HD22 sing N N 178 
LEU CD2 HD23 sing N N 179 
LEU OXT HXT  sing N N 180 
LYS N   CA   sing N N 181 
LYS N   H    sing N N 182 
LYS N   H2   sing N N 183 
LYS CA  C    sing N N 184 
LYS CA  CB   sing N N 185 
LYS CA  HA   sing N N 186 
LYS C   O    doub N N 187 
LYS C   OXT  sing N N 188 
LYS CB  CG   sing N N 189 
LYS CB  HB2  sing N N 190 
LYS CB  HB3  sing N N 191 
LYS CG  CD   sing N N 192 
LYS CG  HG2  sing N N 193 
LYS CG  HG3  sing N N 194 
LYS CD  CE   sing N N 195 
LYS CD  HD2  sing N N 196 
LYS CD  HD3  sing N N 197 
LYS CE  NZ   sing N N 198 
LYS CE  HE2  sing N N 199 
LYS CE  HE3  sing N N 200 
LYS NZ  HZ1  sing N N 201 
LYS NZ  HZ2  sing N N 202 
LYS NZ  HZ3  sing N N 203 
LYS OXT HXT  sing N N 204 
MET N   CA   sing N N 205 
MET N   H    sing N N 206 
MET N   H2   sing N N 207 
MET CA  C    sing N N 208 
MET CA  CB   sing N N 209 
MET CA  HA   sing N N 210 
MET C   O    doub N N 211 
MET C   OXT  sing N N 212 
MET CB  CG   sing N N 213 
MET CB  HB2  sing N N 214 
MET CB  HB3  sing N N 215 
MET CG  SD   sing N N 216 
MET CG  HG2  sing N N 217 
MET CG  HG3  sing N N 218 
MET SD  CE   sing N N 219 
MET CE  HE1  sing N N 220 
MET CE  HE2  sing N N 221 
MET CE  HE3  sing N N 222 
MET OXT HXT  sing N N 223 
PHE N   CA   sing N N 224 
PHE N   H    sing N N 225 
PHE N   H2   sing N N 226 
PHE CA  C    sing N N 227 
PHE CA  CB   sing N N 228 
PHE CA  HA   sing N N 229 
PHE C   O    doub N N 230 
PHE C   OXT  sing N N 231 
PHE CB  CG   sing N N 232 
PHE CB  HB2  sing N N 233 
PHE CB  HB3  sing N N 234 
PHE CG  CD1  doub Y N 235 
PHE CG  CD2  sing Y N 236 
PHE CD1 CE1  sing Y N 237 
PHE CD1 HD1  sing N N 238 
PHE CD2 CE2  doub Y N 239 
PHE CD2 HD2  sing N N 240 
PHE CE1 CZ   doub Y N 241 
PHE CE1 HE1  sing N N 242 
PHE CE2 CZ   sing Y N 243 
PHE CE2 HE2  sing N N 244 
PHE CZ  HZ   sing N N 245 
PHE OXT HXT  sing N N 246 
PRO N   CA   sing N N 247 
PRO N   CD   sing N N 248 
PRO N   H    sing N N 249 
PRO CA  C    sing N N 250 
PRO CA  CB   sing N N 251 
PRO CA  HA   sing N N 252 
PRO C   O    doub N N 253 
PRO C   OXT  sing N N 254 
PRO CB  CG   sing N N 255 
PRO CB  HB2  sing N N 256 
PRO CB  HB3  sing N N 257 
PRO CG  CD   sing N N 258 
PRO CG  HG2  sing N N 259 
PRO CG  HG3  sing N N 260 
PRO CD  HD2  sing N N 261 
PRO CD  HD3  sing N N 262 
PRO OXT HXT  sing N N 263 
SER N   CA   sing N N 264 
SER N   H    sing N N 265 
SER N   H2   sing N N 266 
SER CA  C    sing N N 267 
SER CA  CB   sing N N 268 
SER CA  HA   sing N N 269 
SER C   O    doub N N 270 
SER C   OXT  sing N N 271 
SER CB  OG   sing N N 272 
SER CB  HB2  sing N N 273 
SER CB  HB3  sing N N 274 
SER OG  HG   sing N N 275 
SER OXT HXT  sing N N 276 
THR N   CA   sing N N 277 
THR N   H    sing N N 278 
THR N   H2   sing N N 279 
THR CA  C    sing N N 280 
THR CA  CB   sing N N 281 
THR CA  HA   sing N N 282 
THR C   O    doub N N 283 
THR C   OXT  sing N N 284 
THR CB  OG1  sing N N 285 
THR CB  CG2  sing N N 286 
THR CB  HB   sing N N 287 
THR OG1 HG1  sing N N 288 
THR CG2 HG21 sing N N 289 
THR CG2 HG22 sing N N 290 
THR CG2 HG23 sing N N 291 
THR OXT HXT  sing N N 292 
TYR N   CA   sing N N 293 
TYR N   H    sing N N 294 
TYR N   H2   sing N N 295 
TYR CA  C    sing N N 296 
TYR CA  CB   sing N N 297 
TYR CA  HA   sing N N 298 
TYR C   O    doub N N 299 
TYR C   OXT  sing N N 300 
TYR CB  CG   sing N N 301 
TYR CB  HB2  sing N N 302 
TYR CB  HB3  sing N N 303 
TYR CG  CD1  doub Y N 304 
TYR CG  CD2  sing Y N 305 
TYR CD1 CE1  sing Y N 306 
TYR CD1 HD1  sing N N 307 
TYR CD2 CE2  doub Y N 308 
TYR CD2 HD2  sing N N 309 
TYR CE1 CZ   doub Y N 310 
TYR CE1 HE1  sing N N 311 
TYR CE2 CZ   sing Y N 312 
TYR CE2 HE2  sing N N 313 
TYR CZ  OH   sing N N 314 
TYR OH  HH   sing N N 315 
TYR OXT HXT  sing N N 316 
VAL N   CA   sing N N 317 
VAL N   H    sing N N 318 
VAL N   H2   sing N N 319 
VAL CA  C    sing N N 320 
VAL CA  CB   sing N N 321 
VAL CA  HA   sing N N 322 
VAL C   O    doub N N 323 
VAL C   OXT  sing N N 324 
VAL CB  CG1  sing N N 325 
VAL CB  CG2  sing N N 326 
VAL CB  HB   sing N N 327 
VAL CG1 HG11 sing N N 328 
VAL CG1 HG12 sing N N 329 
VAL CG1 HG13 sing N N 330 
VAL CG2 HG21 sing N N 331 
VAL CG2 HG22 sing N N 332 
VAL CG2 HG23 sing N N 333 
VAL OXT HXT  sing N N 334 
# 
_atom_sites.entry_id                    2B8I 
_atom_sites.fract_transf_matrix[1][1]   0.00649710 
_atom_sites.fract_transf_matrix[1][2]   0.01622681 
_atom_sites.fract_transf_matrix[1][3]   -0.00076694 
_atom_sites.fract_transf_matrix[2][1]   0.00082199 
_atom_sites.fract_transf_matrix[2][2]   -0.00095485 
_atom_sites.fract_transf_matrix[2][3]   -0.01323918 
_atom_sites.fract_transf_matrix[3][1]   -0.01155078 
_atom_sites.fract_transf_matrix[3][2]   0.00457536 
_atom_sites.fract_transf_matrix[3][3]   -0.00104715 
_atom_sites.fract_transf_vector[1]      0.175057 
_atom_sites.fract_transf_vector[2]      0.412919 
_atom_sites.fract_transf_vector[3]      0.399685 
# 
loop_
_atom_type.symbol 
C 
N 
O 
S 
# 
loop_
_atom_site.group_PDB 
_atom_site.id 
_atom_site.type_symbol 
_atom_site.label_atom_id 
_atom_site.label_alt_id 
_atom_site.label_comp_id 
_atom_site.label_asym_id 
_atom_site.label_entity_id 
_atom_site.label_seq_id 
_atom_site.pdbx_PDB_ins_code 
_atom_site.Cartn_x 
_atom_site.Cartn_y 
_atom_site.Cartn_z 
_atom_site.occupancy 
_atom_site.B_iso_or_equiv 
_atom_site.pdbx_formal_charge 
_atom_site.auth_seq_id 
_atom_site.auth_comp_id 
_atom_site.auth_asym_id 
_atom_site.auth_atom_id 
_atom_site.pdbx_PDB_model_num 
ATOM   1   N N   . ILE A 1 1  ? -8.470  10.725  7.093   1.00 43.29 ? 1   ILE A N   1 
ATOM   2   C CA  . ILE A 1 1  ? -7.124  10.147  6.817   1.00 43.24 ? 1   ILE A CA  1 
ATOM   3   C C   . ILE A 1 1  ? -6.013  11.051  7.351   1.00 42.62 ? 1   ILE A C   1 
ATOM   4   O O   . ILE A 1 1  ? -5.783  12.149  6.839   1.00 43.48 ? 1   ILE A O   1 
ATOM   5   C CB  . ILE A 1 1  ? -6.922  9.917   5.297   1.00 44.13 ? 1   ILE A CB  1 
ATOM   6   C CG1 . ILE A 1 1  ? -5.519  9.369   5.032   1.00 44.28 ? 1   ILE A CG1 1 
ATOM   7   C CG2 . ILE A 1 1  ? -7.160  11.211  4.533   1.00 45.40 ? 1   ILE A CG2 1 
ATOM   8   C CD1 . ILE A 1 1  ? -5.279  8.981   3.589   1.00 44.76 ? 1   ILE A CD1 1 
ATOM   9   N N   . ARG A 1 2  ? -5.330  10.579  8.389   1.00 40.02 ? 2   ARG A N   1 
ATOM   10  C CA  . ARG A 1 2  ? -4.252  11.333  9.011   1.00 38.45 ? 2   ARG A CA  1 
ATOM   11  C C   . ARG A 1 2  ? -2.945  11.233  8.232   1.00 37.41 ? 2   ARG A C   1 
ATOM   12  O O   . ARG A 1 2  ? -2.702  10.252  7.527   1.00 36.05 ? 2   ARG A O   1 
ATOM   13  C CB  . ARG A 1 2  ? -4.064  10.865  10.455  1.00 37.47 ? 2   ARG A CB  1 
ATOM   14  C CG  . ARG A 1 2  ? -5.305  11.093  11.300  1.00 38.34 ? 2   ARG A CG  1 
ATOM   15  C CD  . ARG A 1 2  ? -5.049  10.834  12.769  1.00 40.79 ? 2   ARG A CD  1 
ATOM   16  N NE  . ARG A 1 2  ? -6.118  11.378  13.603  1.00 43.94 ? 2   ARG A NE  1 
ATOM   17  C CZ  . ARG A 1 2  ? -7.333  10.852  13.706  1.00 44.71 ? 2   ARG A CZ  1 
ATOM   18  N NH1 . ARG A 1 2  ? -7.644  9.754   13.031  1.00 47.03 ? 2   ARG A NH1 1 
ATOM   19  N NH2 . ARG A 1 2  ? -8.242  11.431  14.478  1.00 45.59 ? 2   ARG A NH2 1 
ATOM   20  N N   . PRO A 1 3  ? -2.084  12.254  8.351   1.00 37.13 ? 3   PRO A N   1 
ATOM   21  C CA  . PRO A 1 3  ? -0.800  12.270  7.642   1.00 37.82 ? 3   PRO A CA  1 
ATOM   22  C C   . PRO A 1 3  ? 0.074   11.039  7.846   1.00 37.65 ? 3   PRO A C   1 
ATOM   23  O O   . PRO A 1 3  ? 0.840   10.658  6.960   1.00 37.55 ? 3   PRO A O   1 
ATOM   24  C CB  . PRO A 1 3  ? -0.141  13.559  8.141   1.00 37.72 ? 3   PRO A CB  1 
ATOM   25  C CG  . PRO A 1 3  ? -0.768  13.784  9.476   1.00 38.06 ? 3   PRO A CG  1 
ATOM   26  C CD  . PRO A 1 3  ? -2.203  13.421  9.243   1.00 37.09 ? 3   PRO A CD  1 
ATOM   27  N N   . TYR A 1 4  ? -0.056  10.402  9.003   1.00 37.94 ? 4   TYR A N   1 
ATOM   28  C CA  . TYR A 1 4  ? 0.743   9.225   9.306   1.00 37.99 ? 4   TYR A CA  1 
ATOM   29  C C   . TYR A 1 4  ? 0.389   8.019   8.434   1.00 37.76 ? 4   TYR A C   1 
ATOM   30  O O   . TYR A 1 4  ? 1.243   7.174   8.167   1.00 35.29 ? 4   TYR A O   1 
ATOM   31  C CB  . TYR A 1 4  ? 0.587   8.853   10.780  1.00 41.39 ? 4   TYR A CB  1 
ATOM   32  C CG  . TYR A 1 4  ? 1.555   7.789   11.232  1.00 44.11 ? 4   TYR A CG  1 
ATOM   33  C CD1 . TYR A 1 4  ? 2.935   7.969   11.100  1.00 45.61 ? 4   TYR A CD1 1 
ATOM   34  C CD2 . TYR A 1 4  ? 1.100   6.604   11.792  1.00 45.86 ? 4   TYR A CD2 1 
ATOM   35  C CE1 . TYR A 1 4  ? 3.837   6.989   11.516  1.00 46.81 ? 4   TYR A CE1 1 
ATOM   36  C CE2 . TYR A 1 4  ? 1.993   5.616   12.213  1.00 47.02 ? 4   TYR A CE2 1 
ATOM   37  C CZ  . TYR A 1 4  ? 3.356   5.813   12.072  1.00 47.41 ? 4   TYR A CZ  1 
ATOM   38  O OH  . TYR A 1 4  ? 4.226   4.830   12.489  1.00 48.41 ? 4   TYR A OH  1 
ATOM   39  N N   . MET A 1 5  ? -0.865  7.936   7.999   1.00 36.99 ? 5   MET A N   1 
ATOM   40  C CA  . MET A 1 5  ? -1.297  6.816   7.164   1.00 36.26 ? 5   MET A CA  1 
ATOM   41  C C   . MET A 1 5  ? -0.503  6.737   5.863   1.00 34.21 ? 5   MET A C   1 
ATOM   42  O O   . MET A 1 5  ? -0.273  5.647   5.332   1.00 32.21 ? 5   MET A O   1 
ATOM   43  C CB  . MET A 1 5  ? -2.792  6.922   6.837   1.00 39.00 ? 5   MET A CB  1 
ATOM   44  C CG  . MET A 1 5  ? -3.321  5.736   6.027   1.00 41.85 ? 5   MET A CG  1 
ATOM   45  S SD  . MET A 1 5  ? -5.044  5.904   5.523   1.00 47.93 ? 5   MET A SD  1 
ATOM   46  C CE  . MET A 1 5  ? -5.871  5.580   7.071   1.00 45.79 ? 5   MET A CE  1 
ATOM   47  N N   . LYS A 1 6  ? -0.089  7.888   5.347   1.00 31.28 ? 6   LYS A N   1 
ATOM   48  C CA  . LYS A 1 6  ? 0.675   7.916   4.111   1.00 31.37 ? 6   LYS A CA  1 
ATOM   49  C C   . LYS A 1 6  ? 2.037   7.272   4.335   1.00 30.98 ? 6   LYS A C   1 
ATOM   50  O O   . LYS A 1 6  ? 2.491   6.459   3.536   1.00 29.00 ? 6   LYS A O   1 
ATOM   51  C CB  . LYS A 1 6  ? 0.863   9.352   3.620   1.00 33.09 ? 6   LYS A CB  1 
ATOM   52  C CG  . LYS A 1 6  ? 1.722   9.460   2.367   1.00 36.75 ? 6   LYS A CG  1 
ATOM   53  C CD  . LYS A 1 6  ? 1.920   10.905  1.926   1.00 40.77 ? 6   LYS A CD  1 
ATOM   54  C CE  . LYS A 1 6  ? 2.635   11.720  2.995   1.00 43.70 ? 6   LYS A CE  1 
ATOM   55  N NZ  . LYS A 1 6  ? 2.889   13.131  2.567   1.00 46.00 ? 6   LYS A NZ  1 
ATOM   56  N N   . ALA A 1 7  ? 2.686   7.644   5.433   1.00 29.81 ? 7   ALA A N   1 
ATOM   57  C CA  . ALA A 1 7  ? 4.001   7.098   5.753   1.00 29.79 ? 7   ALA A CA  1 
ATOM   58  C C   . ALA A 1 7  ? 3.933   5.582   5.889   1.00 27.14 ? 7   ALA A C   1 
ATOM   59  O O   . ALA A 1 7  ? 4.826   4.860   5.436   1.00 27.48 ? 7   ALA A O   1 
ATOM   60  C CB  . ALA A 1 7  ? 4.508   7.712   7.049   1.00 27.93 ? 7   ALA A CB  1 
ATOM   61  N N   . LEU A 1 8  ? 2.864   5.114   6.521   1.00 26.60 ? 8   LEU A N   1 
ATOM   62  C CA  . LEU A 1 8  ? 2.653   3.694   6.751   1.00 25.96 ? 8   LEU A CA  1 
ATOM   63  C C   . LEU A 1 8  ? 2.485   2.952   5.429   1.00 24.83 ? 8   LEU A C   1 
ATOM   64  O O   . LEU A 1 8  ? 3.094   1.903   5.213   1.00 24.29 ? 8   LEU A O   1 
ATOM   65  C CB  . LEU A 1 8  ? 1.424   3.501   7.635   1.00 26.03 ? 8   LEU A CB  1 
ATOM   66  C CG  . LEU A 1 8  ? 1.144   2.103   8.175   1.00 29.17 ? 8   LEU A CG  1 
ATOM   67  C CD1 . LEU A 1 8  ? 2.357   1.576   8.933   1.00 31.75 ? 8   LEU A CD1 1 
ATOM   68  C CD2 . LEU A 1 8  ? -0.075  2.167   9.079   1.00 31.34 ? 8   LEU A CD2 1 
ATOM   69  N N   . ILE A 1 9  ? 1.657   3.497   4.546   1.00 22.52 ? 9   ILE A N   1 
ATOM   70  C CA  . ILE A 1 9  ? 1.454   2.879   3.240   1.00 20.67 ? 9   ILE A CA  1 
ATOM   71  C C   . ILE A 1 9  ? 2.769   2.858   2.459   1.00 21.81 ? 9   ILE A C   1 
ATOM   72  O O   . ILE A 1 9  ? 3.142   1.825   1.904   1.00 20.53 ? 9   ILE A O   1 
ATOM   73  C CB  . ILE A 1 9  ? 0.380   3.639   2.426   1.00 20.04 ? 9   ILE A CB  1 
ATOM   74  C CG1 . ILE A 1 9  ? -0.980  3.477   3.109   1.00 17.85 ? 9   ILE A CG1 1 
ATOM   75  C CG2 . ILE A 1 9  ? 0.332   3.114   0.988   1.00 20.05 ? 9   ILE A CG2 1 
ATOM   76  C CD1 . ILE A 1 9  ? -2.058  4.403   2.563   1.00 20.26 ? 9   ILE A CD1 1 
ATOM   77  N N   . TYR A 1 10 ? 3.484   3.981   2.445   1.00 22.02 ? 10  TYR A N   1 
ATOM   78  C CA  . TYR A 1 10 ? 4.748   4.070   1.720   1.00 24.93 ? 10  TYR A CA  1 
ATOM   79  C C   . TYR A 1 10 ? 5.701   2.982   2.200   1.00 25.18 ? 10  TYR A C   1 
ATOM   80  O O   . TYR A 1 10 ? 6.277   2.250   1.393   1.00 24.97 ? 10  TYR A O   1 
ATOM   81  C CB  . TYR A 1 10 ? 5.395   5.453   1.908   1.00 25.63 ? 10  TYR A CB  1 
ATOM   82  C CG  . TYR A 1 10 ? 6.547   5.748   0.960   1.00 28.66 ? 10  TYR A CG  1 
ATOM   83  C CD1 . TYR A 1 10 ? 7.742   5.034   1.032   1.00 30.48 ? 10  TYR A CD1 1 
ATOM   84  C CD2 . TYR A 1 10 ? 6.434   6.738   -0.018  1.00 31.27 ? 10  TYR A CD2 1 
ATOM   85  C CE1 . TYR A 1 10 ? 8.799   5.297   0.150   1.00 30.74 ? 10  TYR A CE1 1 
ATOM   86  C CE2 . TYR A 1 10 ? 7.480   7.009   -0.903  1.00 33.12 ? 10  TYR A CE2 1 
ATOM   87  C CZ  . TYR A 1 10 ? 8.658   6.283   -0.815  1.00 34.29 ? 10  TYR A CZ  1 
ATOM   88  O OH  . TYR A 1 10 ? 9.687   6.537   -1.698  1.00 35.97 ? 10  TYR A OH  1 
ATOM   89  N N   . GLU A 1 11 ? 5.847   2.875   3.517   1.00 24.08 ? 11  GLU A N   1 
ATOM   90  C CA  . GLU A 1 11 ? 6.730   1.882   4.124   1.00 26.56 ? 11  GLU A CA  1 
ATOM   91  C C   . GLU A 1 11 ? 6.316   0.467   3.749   1.00 24.12 ? 11  GLU A C   1 
ATOM   92  O O   . GLU A 1 11 ? 7.164   -0.400  3.523   1.00 26.12 ? 11  GLU A O   1 
ATOM   93  C CB  . GLU A 1 11 ? 6.707   2.033   5.648   1.00 28.59 ? 11  GLU A CB  1 
ATOM   94  C CG  . GLU A 1 11 ? 7.644   1.096   6.406   1.00 34.17 ? 11  GLU A CG  1 
ATOM   95  C CD  . GLU A 1 11 ? 9.099   1.273   6.009   1.00 36.12 ? 11  GLU A CD  1 
ATOM   96  O OE1 . GLU A 1 11 ? 9.519   2.432   5.802   1.00 38.92 ? 11  GLU A OE1 1 
ATOM   97  O OE2 . GLU A 1 11 ? 9.824   0.258   5.919   1.00 35.90 ? 11  GLU A OE2 1 
ATOM   98  N N   . THR A 1 12 ? 5.009   0.237   3.686   1.00 23.18 ? 12  THR A N   1 
ATOM   99  C CA  . THR A 1 12 ? 4.488   -1.075  3.340   1.00 21.41 ? 12  THR A CA  1 
ATOM   100 C C   . THR A 1 12 ? 4.825   -1.430  1.900   1.00 20.30 ? 12  THR A C   1 
ATOM   101 O O   . THR A 1 12 ? 5.162   -2.581  1.608   1.00 20.42 ? 12  THR A O   1 
ATOM   102 C CB  . THR A 1 12 ? 2.950   -1.146  3.533   1.00 20.57 ? 12  THR A CB  1 
ATOM   103 O OG1 . THR A 1 12 ? 2.626   -0.794  4.885   1.00 21.21 ? 12  THR A OG1 1 
ATOM   104 C CG2 . THR A 1 12 ? 2.443   -2.569  3.275   1.00 20.55 ? 12  THR A CG2 1 
ATOM   105 N N   . LEU A 1 13 ? 4.728   -0.456  0.996   1.00 19.66 ? 13  LEU A N   1 
ATOM   106 C CA  . LEU A 1 13 ? 5.040   -0.740  -0.404  1.00 19.12 ? 13  LEU A CA  1 
ATOM   107 C C   . LEU A 1 13 ? 6.523   -1.080  -0.518  1.00 20.60 ? 13  LEU A C   1 
ATOM   108 O O   . LEU A 1 13 ? 6.906   -1.990  -1.257  1.00 21.37 ? 13  LEU A O   1 
ATOM   109 C CB  . LEU A 1 13 ? 4.704   0.451   -1.312  1.00 19.71 ? 13  LEU A CB  1 
ATOM   110 C CG  . LEU A 1 13 ? 3.254   0.940   -1.295  1.00 19.45 ? 13  LEU A CG  1 
ATOM   111 C CD1 . LEU A 1 13 ? 3.020   1.875   -2.473  1.00 21.17 ? 13  LEU A CD1 1 
ATOM   112 C CD2 . LEU A 1 13 ? 2.303   -0.249  -1.368  1.00 20.78 ? 13  LEU A CD2 1 
ATOM   113 N N   . VAL A 1 14 ? 7.358   -0.356  0.220   1.00 20.10 ? 14  VAL A N   1 
ATOM   114 C CA  . VAL A 1 14 ? 8.794   -0.633  0.188   1.00 23.35 ? 14  VAL A CA  1 
ATOM   115 C C   . VAL A 1 14 ? 9.060   -2.058  0.668   1.00 24.30 ? 14  VAL A C   1 
ATOM   116 O O   . VAL A 1 14 ? 9.884   -2.766  0.094   1.00 26.34 ? 14  VAL A O   1 
ATOM   117 C CB  . VAL A 1 14 ? 9.586   0.347   1.087   1.00 22.80 ? 14  VAL A CB  1 
ATOM   118 C CG1 . VAL A 1 14 ? 11.061  -0.085  1.165   1.00 22.78 ? 14  VAL A CG1 1 
ATOM   119 C CG2 . VAL A 1 14 ? 9.483   1.754   0.533   1.00 23.64 ? 14  VAL A CG2 1 
ATOM   120 N N   . ASN A 1 15 ? 8.358   -2.478  1.715   1.00 25.69 ? 15  ASN A N   1 
ATOM   121 C CA  . ASN A 1 15 ? 8.541   -3.824  2.255   1.00 28.10 ? 15  ASN A CA  1 
ATOM   122 C C   . ASN A 1 15 ? 8.058   -4.893  1.279   1.00 28.35 ? 15  ASN A C   1 
ATOM   123 O O   . ASN A 1 15 ? 8.694   -5.933  1.131   1.00 28.19 ? 15  ASN A O   1 
ATOM   124 C CB  . ASN A 1 15 ? 7.808   -3.983  3.590   1.00 30.06 ? 15  ASN A CB  1 
ATOM   125 C CG  . ASN A 1 15 ? 8.299   -3.013  4.647   1.00 34.28 ? 15  ASN A CG  1 
ATOM   126 O OD1 . ASN A 1 15 ? 9.503   -2.827  4.827   1.00 35.19 ? 15  ASN A OD1 1 
ATOM   127 N ND2 . ASN A 1 15 ? 7.364   -2.399  5.366   1.00 38.05 ? 15  ASN A ND2 1 
ATOM   128 N N   . LEU A 1 16 ? 6.932   -4.639  0.617   1.00 27.05 ? 16  LEU A N   1 
ATOM   129 C CA  . LEU A 1 16 ? 6.401   -5.598  -0.347  1.00 26.95 ? 16  LEU A CA  1 
ATOM   130 C C   . LEU A 1 16 ? 7.335   -5.706  -1.550  1.00 29.66 ? 16  LEU A C   1 
ATOM   131 O O   . LEU A 1 16 ? 7.515   -6.783  -2.117  1.00 30.64 ? 16  LEU A O   1 
ATOM   132 C CB  . LEU A 1 16 ? 5.001   -5.171  -0.812  1.00 25.70 ? 16  LEU A CB  1 
ATOM   133 C CG  . LEU A 1 16 ? 3.878   -5.255  0.222   1.00 23.83 ? 16  LEU A CG  1 
ATOM   134 C CD1 . LEU A 1 16 ? 2.678   -4.473  -0.272  1.00 22.67 ? 16  LEU A CD1 1 
ATOM   135 C CD2 . LEU A 1 16 ? 3.507   -6.724  0.461   1.00 24.92 ? 16  LEU A CD2 1 
ATOM   136 N N   . ALA A 1 17 ? 7.942   -4.589  -1.925  1.00 31.56 ? 17  ALA A N   1 
ATOM   137 C CA  . ALA A 1 17 ? 8.845   -4.565  -3.067  1.00 32.90 ? 17  ALA A CA  1 
ATOM   138 C C   . ALA A 1 17 ? 10.229  -5.143  -2.771  1.00 35.02 ? 17  ALA A C   1 
ATOM   139 O O   . ALA A 1 17 ? 10.931  -5.565  -3.692  1.00 35.92 ? 17  ALA A O   1 
ATOM   140 C CB  . ALA A 1 17 ? 8.984   -3.140  -3.577  1.00 32.91 ? 17  ALA A CB  1 
ATOM   141 N N   . ASN A 1 18 ? 10.620  -5.179  -1.500  1.00 36.65 ? 18  ASN A N   1 
ATOM   142 C CA  . ASN A 1 18 ? 11.941  -5.685  -1.145  1.00 38.52 ? 18  ASN A CA  1 
ATOM   143 C C   . ASN A 1 18 ? 12.002  -6.919  -0.248  1.00 39.23 ? 18  ASN A C   1 
ATOM   144 O O   . ASN A 1 18 ? 13.086  -7.441  0.011   1.00 40.77 ? 18  ASN A O   1 
ATOM   145 C CB  . ASN A 1 18 ? 12.771  -4.559  -0.516  1.00 40.29 ? 18  ASN A CB  1 
ATOM   146 C CG  . ASN A 1 18 ? 12.995  -3.400  -1.469  1.00 42.20 ? 18  ASN A CG  1 
ATOM   147 O OD1 . ASN A 1 18 ? 12.097  -2.594  -1.709  1.00 42.67 ? 18  ASN A OD1 1 
ATOM   148 N ND2 . ASN A 1 18 ? 14.197  -3.320  -2.029  1.00 42.44 ? 18  ASN A ND2 1 
ATOM   149 N N   . GLN A 1 19 ? 10.853  -7.383  0.232   1.00 40.36 ? 19  GLN A N   1 
ATOM   150 C CA  . GLN A 1 19 ? 10.816  -8.568  1.085   1.00 40.67 ? 19  GLN A CA  1 
ATOM   151 C C   . GLN A 1 19 ? 10.477  -9.814  0.275   1.00 41.34 ? 19  GLN A C   1 
ATOM   152 O O   . GLN A 1 19 ? 9.937   -9.723  -0.828  1.00 40.52 ? 19  GLN A O   1 
ATOM   153 C CB  . GLN A 1 19 ? 9.788   -8.395  2.205   1.00 42.68 ? 19  GLN A CB  1 
ATOM   154 C CG  . GLN A 1 19 ? 10.261  -7.515  3.348   1.00 44.88 ? 19  GLN A CG  1 
ATOM   155 C CD  . GLN A 1 19 ? 11.394  -8.153  4.127   1.00 46.33 ? 19  GLN A CD  1 
ATOM   156 O OE1 . GLN A 1 19 ? 11.229  -9.219  4.722   1.00 47.22 ? 19  GLN A OE1 1 
ATOM   157 N NE2 . GLN A 1 19 ? 12.554  -7.503  4.127   1.00 45.96 ? 19  GLN A NE2 1 
ATOM   158 N N   . ASP A 1 20 ? 10.796  -10.977 0.831   1.00 41.90 ? 20  ASP A N   1 
ATOM   159 C CA  . ASP A 1 20 ? 10.527  -12.244 0.163   1.00 43.19 ? 20  ASP A CA  1 
ATOM   160 C C   . ASP A 1 20 ? 9.023   -12.396 -0.064  1.00 41.58 ? 20  ASP A C   1 
ATOM   161 O O   . ASP A 1 20 ? 8.229   -12.208 0.857   1.00 41.47 ? 20  ASP A O   1 
ATOM   162 C CB  . ASP A 1 20 ? 11.038  -13.403 1.020   1.00 45.47 ? 20  ASP A CB  1 
ATOM   163 C CG  . ASP A 1 20 ? 11.124  -14.705 0.248   1.00 47.76 ? 20  ASP A CG  1 
ATOM   164 O OD1 . ASP A 1 20 ? 11.336  -15.762 0.881   1.00 49.93 ? 20  ASP A OD1 1 
ATOM   165 O OD2 . ASP A 1 20 ? 10.991  -14.672 -0.992  1.00 50.35 ? 20  ASP A OD2 1 
ATOM   166 N N   . PRO A 1 21 ? 8.614   -12.735 -1.298  1.00 40.86 ? 21  PRO A N   1 
ATOM   167 C CA  . PRO A 1 21 ? 7.198   -12.910 -1.637  1.00 40.15 ? 21  PRO A CA  1 
ATOM   168 C C   . PRO A 1 21 ? 6.430   -13.786 -0.653  1.00 40.90 ? 21  PRO A C   1 
ATOM   169 O O   . PRO A 1 21 ? 5.218   -13.638 -0.491  1.00 40.74 ? 21  PRO A O   1 
ATOM   170 C CB  . PRO A 1 21 ? 7.256   -13.524 -3.029  1.00 40.66 ? 21  PRO A CB  1 
ATOM   171 C CG  . PRO A 1 21 ? 8.444   -12.842 -3.626  1.00 40.95 ? 21  PRO A CG  1 
ATOM   172 C CD  . PRO A 1 21 ? 9.459   -12.890 -2.498  1.00 40.71 ? 21  PRO A CD  1 
ATOM   173 N N   . GLU A 1 22 ? 7.139   -14.693 0.008   1.00 40.67 ? 22  GLU A N   1 
ATOM   174 C CA  . GLU A 1 22 ? 6.509   -15.589 0.965   1.00 40.97 ? 22  GLU A CA  1 
ATOM   175 C C   . GLU A 1 22 ? 5.704   -14.842 2.024   1.00 40.46 ? 22  GLU A C   1 
ATOM   176 O O   . GLU A 1 22 ? 4.650   -15.312 2.454   1.00 40.13 ? 22  GLU A O   1 
ATOM   177 C CB  . GLU A 1 22 ? 7.570   -16.455 1.646   1.00 43.13 ? 22  GLU A CB  1 
ATOM   178 C CG  . GLU A 1 22 ? 7.006   -17.632 2.423   1.00 47.51 ? 22  GLU A CG  1 
ATOM   179 C CD  . GLU A 1 22 ? 6.256   -18.612 1.536   1.00 49.70 ? 22  GLU A CD  1 
ATOM   180 O OE1 . GLU A 1 22 ? 5.164   -18.258 1.037   1.00 51.38 ? 22  GLU A OE1 1 
ATOM   181 O OE2 . GLU A 1 22 ? 6.762   -19.738 1.335   1.00 51.19 ? 22  GLU A OE2 1 
ATOM   182 N N   . GLN A 1 23 ? 6.189   -13.676 2.443   1.00 38.67 ? 23  GLN A N   1 
ATOM   183 C CA  . GLN A 1 23 ? 5.488   -12.910 3.466   1.00 37.94 ? 23  GLN A CA  1 
ATOM   184 C C   . GLN A 1 23 ? 4.640   -11.747 2.958   1.00 35.74 ? 23  GLN A C   1 
ATOM   185 O O   . GLN A 1 23 ? 4.139   -10.959 3.754   1.00 35.98 ? 23  GLN A O   1 
ATOM   186 C CB  . GLN A 1 23 ? 6.472   -12.387 4.517   1.00 39.89 ? 23  GLN A CB  1 
ATOM   187 C CG  . GLN A 1 23 ? 7.610   -11.562 3.962   1.00 42.77 ? 23  GLN A CG  1 
ATOM   188 C CD  . GLN A 1 23 ? 8.906   -12.341 3.898   1.00 44.17 ? 23  GLN A CD  1 
ATOM   189 O OE1 . GLN A 1 23 ? 8.973   -13.409 3.289   1.00 46.19 ? 23  GLN A OE1 1 
ATOM   190 N NE2 . GLN A 1 23 ? 9.946   -11.810 4.531   1.00 45.92 ? 23  GLN A NE2 1 
ATOM   191 N N   . HIS A 1 24 ? 4.467   -11.634 1.648   1.00 33.96 ? 24  HIS A N   1 
ATOM   192 C CA  . HIS A 1 24 ? 3.657   -10.544 1.111   1.00 31.58 ? 24  HIS A CA  1 
ATOM   193 C C   . HIS A 1 24 ? 2.220   -10.550 1.633   1.00 31.39 ? 24  HIS A C   1 
ATOM   194 O O   . HIS A 1 24 ? 1.689   -9.501  2.009   1.00 29.50 ? 24  HIS A O   1 
ATOM   195 C CB  . HIS A 1 24 ? 3.647   -10.586 -0.418  1.00 30.10 ? 24  HIS A CB  1 
ATOM   196 C CG  . HIS A 1 24 ? 4.939   -10.168 -1.041  1.00 31.60 ? 24  HIS A CG  1 
ATOM   197 N ND1 . HIS A 1 24 ? 5.108   -10.073 -2.406  1.00 32.25 ? 24  HIS A ND1 1 
ATOM   198 C CD2 . HIS A 1 24 ? 6.124   -9.814  -0.489  1.00 31.37 ? 24  HIS A CD2 1 
ATOM   199 C CE1 . HIS A 1 24 ? 6.342   -9.678  -2.667  1.00 31.25 ? 24  HIS A CE1 1 
ATOM   200 N NE2 . HIS A 1 24 ? 6.978   -9.513  -1.523  1.00 32.63 ? 24  HIS A NE2 1 
ATOM   201 N N   . ALA A 1 25 ? 1.592   -11.723 1.662   1.00 29.78 ? 25  ALA A N   1 
ATOM   202 C CA  . ALA A 1 25 ? 0.214   -11.829 2.139   1.00 28.86 ? 25  ALA A CA  1 
ATOM   203 C C   . ALA A 1 25 ? 0.057   -11.302 3.564   1.00 29.05 ? 25  ALA A C   1 
ATOM   204 O O   . ALA A 1 25 ? -0.892  -10.577 3.872   1.00 27.18 ? 25  ALA A O   1 
ATOM   205 C CB  . ALA A 1 25 ? -0.255  -13.277 2.068   1.00 29.98 ? 25  ALA A CB  1 
ATOM   206 N N   . THR A 1 26 ? 0.991   -11.675 4.428   1.00 28.73 ? 26  THR A N   1 
ATOM   207 C CA  . THR A 1 26 ? 0.961   -11.247 5.816   1.00 31.70 ? 26  THR A CA  1 
ATOM   208 C C   . THR A 1 26 ? 1.303   -9.766  5.942   1.00 30.19 ? 26  THR A C   1 
ATOM   209 O O   . THR A 1 26 ? 0.741   -9.072  6.792   1.00 29.71 ? 26  THR A O   1 
ATOM   210 C CB  . THR A 1 26 ? 1.934   -12.081 6.669   1.00 32.17 ? 26  THR A CB  1 
ATOM   211 O OG1 . THR A 1 26 ? 1.515   -13.452 6.656   1.00 38.11 ? 26  THR A OG1 1 
ATOM   212 C CG2 . THR A 1 26 ? 1.948   -11.584 8.100   1.00 36.57 ? 26  THR A CG2 1 
ATOM   213 N N   . ILE A 1 27 ? 2.219   -9.285  5.103   1.00 28.10 ? 27  ILE A N   1 
ATOM   214 C CA  . ILE A 1 27 ? 2.590   -7.868  5.125   1.00 25.51 ? 27  ILE A CA  1 
ATOM   215 C C   . ILE A 1 27 ? 1.357   -7.042  4.750   1.00 24.89 ? 27  ILE A C   1 
ATOM   216 O O   . ILE A 1 27 ? 1.077   -6.017  5.371   1.00 23.52 ? 27  ILE A O   1 
ATOM   217 C CB  . ILE A 1 27 ? 3.732   -7.550  4.122   1.00 26.10 ? 27  ILE A CB  1 
ATOM   218 C CG1 . ILE A 1 27 ? 5.051   -8.157  4.611   1.00 25.98 ? 27  ILE A CG1 1 
ATOM   219 C CG2 . ILE A 1 27 ? 3.903   -6.046  3.973   1.00 23.39 ? 27  ILE A CG2 1 
ATOM   220 C CD1 . ILE A 1 27 ? 6.193   -8.012  3.615   1.00 26.72 ? 27  ILE A CD1 1 
ATOM   221 N N   . ARG A 1 28 ? 0.619   -7.494  3.738   1.00 23.83 ? 28  ARG A N   1 
ATOM   222 C CA  . ARG A 1 28 ? -0.583  -6.785  3.308   1.00 22.98 ? 28  ARG A CA  1 
ATOM   223 C C   . ARG A 1 28 ? -1.700  -6.801  4.356   1.00 23.62 ? 28  ARG A C   1 
ATOM   224 O O   . ARG A 1 28 ? -2.267  -5.754  4.675   1.00 20.37 ? 28  ARG A O   1 
ATOM   225 C CB  . ARG A 1 28 ? -1.136  -7.375  2.001   1.00 23.63 ? 28  ARG A CB  1 
ATOM   226 C CG  . ARG A 1 28 ? -0.280  -7.152  0.766   1.00 23.58 ? 28  ARG A CG  1 
ATOM   227 C CD  . ARG A 1 28 ? -1.054  -7.516  -0.498  1.00 22.97 ? 28  ARG A CD  1 
ATOM   228 N NE  . ARG A 1 28 ? -1.410  -8.933  -0.534  1.00 24.62 ? 28  ARG A NE  1 
ATOM   229 C CZ  . ARG A 1 28 ? -0.642  -9.881  -1.061  1.00 26.22 ? 28  ARG A CZ  1 
ATOM   230 N NH1 . ARG A 1 28 ? 0.527   -9.570  -1.602  1.00 27.14 ? 28  ARG A NH1 1 
ATOM   231 N NH2 . ARG A 1 28 ? -1.038  -11.145 -1.041  1.00 27.93 ? 28  ARG A NH2 1 
ATOM   232 N N   . GLN A 1 29 ? -2.021  -7.981  4.883   1.00 23.53 ? 29  GLN A N   1 
ATOM   233 C CA  . GLN A 1 29 ? -3.100  -8.088  5.866   1.00 22.91 ? 29  GLN A CA  1 
ATOM   234 C C   . GLN A 1 29 ? -2.778  -7.292  7.124   1.00 23.54 ? 29  GLN A C   1 
ATOM   235 O O   . GLN A 1 29 ? -3.672  -6.727  7.748   1.00 23.99 ? 29  GLN A O   1 
ATOM   236 C CB  . GLN A 1 29 ? -3.378  -9.555  6.224   1.00 23.86 ? 29  GLN A CB  1 
ATOM   237 C CG  . GLN A 1 29 ? -4.593  -9.758  7.138   1.00 24.82 ? 29  GLN A CG  1 
ATOM   238 C CD  . GLN A 1 29 ? -5.873  -9.166  6.556   1.00 25.00 ? 29  GLN A CD  1 
ATOM   239 O OE1 . GLN A 1 29 ? -6.122  -9.262  5.357   1.00 21.89 ? 29  GLN A OE1 1 
ATOM   240 N NE2 . GLN A 1 29 ? -6.695  -8.564  7.411   1.00 24.94 ? 29  GLN A NE2 1 
ATOM   241 N N   . ASN A 1 30 ? -1.498  -7.227  7.475   1.00 22.86 ? 30  ASN A N   1 
ATOM   242 C CA  . ASN A 1 30 ? -1.070  -6.473  8.647   1.00 26.31 ? 30  ASN A CA  1 
ATOM   243 C C   . ASN A 1 30 ? -1.463  -5.003  8.505   1.00 23.74 ? 30  ASN A C   1 
ATOM   244 O O   . ASN A 1 30 ? -2.011  -4.411  9.431   1.00 24.72 ? 30  ASN A O   1 
ATOM   245 C CB  . ASN A 1 30 ? 0.447   -6.566  8.826   1.00 28.14 ? 30  ASN A CB  1 
ATOM   246 C CG  . ASN A 1 30 ? 0.959   -5.677  9.946   1.00 33.92 ? 30  ASN A CG  1 
ATOM   247 O OD1 . ASN A 1 30 ? 1.978   -4.999  9.800   1.00 35.83 ? 30  ASN A OD1 1 
ATOM   248 N ND2 . ASN A 1 30 ? 0.254   -5.684  11.078  1.00 34.35 ? 30  ASN A ND2 1 
ATOM   249 N N   . LEU A 1 31 ? -1.170  -4.415  7.348   1.00 22.41 ? 31  LEU A N   1 
ATOM   250 C CA  . LEU A 1 31 ? -1.514  -3.020  7.108   1.00 20.86 ? 31  LEU A CA  1 
ATOM   251 C C   . LEU A 1 31 ? -3.022  -2.853  7.165   1.00 20.50 ? 31  LEU A C   1 
ATOM   252 O O   . LEU A 1 31 ? -3.529  -1.834  7.633   1.00 20.05 ? 31  LEU A O   1 
ATOM   253 C CB  . LEU A 1 31 ? -1.002  -2.550  5.739   1.00 21.13 ? 31  LEU A CB  1 
ATOM   254 C CG  . LEU A 1 31 ? -1.444  -1.137  5.324   1.00 19.68 ? 31  LEU A CG  1 
ATOM   255 C CD1 . LEU A 1 31 ? -0.897  -0.110  6.312   1.00 20.57 ? 31  LEU A CD1 1 
ATOM   256 C CD2 . LEU A 1 31 ? -0.952  -0.827  3.925   1.00 20.43 ? 31  LEU A CD2 1 
ATOM   257 N N   . TYR A 1 32 ? -3.751  -3.847  6.672   1.00 20.65 ? 32  TYR A N   1 
ATOM   258 C CA  . TYR A 1 32 ? -5.203  -3.761  6.700   1.00 20.84 ? 32  TYR A CA  1 
ATOM   259 C C   . TYR A 1 32 ? -5.684  -3.724  8.146   1.00 21.10 ? 32  TYR A C   1 
ATOM   260 O O   . TYR A 1 32 ? -6.614  -2.989  8.481   1.00 22.91 ? 32  TYR A O   1 
ATOM   261 C CB  . TYR A 1 32 ? -5.825  -4.947  5.963   1.00 20.24 ? 32  TYR A CB  1 
ATOM   262 C CG  . TYR A 1 32 ? -5.814  -4.768  4.468   1.00 20.22 ? 32  TYR A CG  1 
ATOM   263 C CD1 . TYR A 1 32 ? -6.329  -3.608  3.899   1.00 23.91 ? 32  TYR A CD1 1 
ATOM   264 C CD2 . TYR A 1 32 ? -5.310  -5.756  3.618   1.00 23.81 ? 32  TYR A CD2 1 
ATOM   265 C CE1 . TYR A 1 32 ? -6.356  -3.425  2.531   1.00 23.66 ? 32  TYR A CE1 1 
ATOM   266 C CE2 . TYR A 1 32 ? -5.328  -5.578  2.225   1.00 21.96 ? 32  TYR A CE2 1 
ATOM   267 C CZ  . TYR A 1 32 ? -5.859  -4.408  1.695   1.00 23.68 ? 32  TYR A CZ  1 
ATOM   268 O OH  . TYR A 1 32 ? -5.938  -4.227  0.324   1.00 25.56 ? 32  TYR A OH  1 
ATOM   269 N N   . GLU A 1 33 ? -5.043  -4.517  8.995   1.00 23.75 ? 33  GLU A N   1 
ATOM   270 C CA  . GLU A 1 33 ? -5.405  -4.560  10.411  1.00 24.55 ? 33  GLU A CA  1 
ATOM   271 C C   . GLU A 1 33 ? -5.147  -3.214  11.095  1.00 25.51 ? 33  GLU A C   1 
ATOM   272 O O   . GLU A 1 33 ? -5.924  -2.783  11.951  1.00 25.35 ? 33  GLU A O   1 
ATOM   273 C CB  . GLU A 1 33 ? -4.614  -5.659  11.123  1.00 28.37 ? 33  GLU A CB  1 
ATOM   274 C CG  . GLU A 1 33 ? -5.015  -7.070  10.729  1.00 32.46 ? 33  GLU A CG  1 
ATOM   275 C CD  . GLU A 1 33 ? -6.481  -7.335  10.987  1.00 36.30 ? 33  GLU A CD  1 
ATOM   276 O OE1 . GLU A 1 33 ? -6.961  -6.971  12.081  1.00 38.42 ? 33  GLU A OE1 1 
ATOM   277 O OE2 . GLU A 1 33 ? -7.156  -7.913  10.109  1.00 38.40 ? 33  GLU A OE2 1 
ATOM   278 N N   . GLN A 1 34 ? -4.064  -2.554  10.699  1.00 23.12 ? 34  GLN A N   1 
ATOM   279 C CA  . GLN A 1 34 ? -3.678  -1.259  11.265  1.00 24.15 ? 34  GLN A CA  1 
ATOM   280 C C   . GLN A 1 34 ? -4.605  -0.118  10.846  1.00 23.30 ? 34  GLN A C   1 
ATOM   281 O O   . GLN A 1 34 ? -4.846  0.820   11.609  1.00 22.72 ? 34  GLN A O   1 
ATOM   282 C CB  . GLN A 1 34 ? -2.244  -0.906  10.831  1.00 25.13 ? 34  GLN A CB  1 
ATOM   283 C CG  . GLN A 1 34 ? -1.186  -1.942  11.191  1.00 27.05 ? 34  GLN A CG  1 
ATOM   284 C CD  . GLN A 1 34 ? 0.179   -1.614  10.607  1.00 29.66 ? 34  GLN A CD  1 
ATOM   285 O OE1 . GLN A 1 34 ? 0.300   -1.323  9.413   1.00 28.04 ? 34  GLN A OE1 1 
ATOM   286 N NE2 . GLN A 1 34 ? 1.218   -1.668  11.441  1.00 29.52 ? 34  GLN A NE2 1 
ATOM   287 N N   . LEU A 1 35 ? -5.120  -0.188  9.621   1.00 21.85 ? 35  LEU A N   1 
ATOM   288 C CA  . LEU A 1 35 ? -5.974  0.872   9.104   1.00 22.54 ? 35  LEU A CA  1 
ATOM   289 C C   . LEU A 1 35 ? -7.475  0.710   9.317   1.00 22.27 ? 35  LEU A C   1 
ATOM   290 O O   . LEU A 1 35 ? -8.204  1.699   9.353   1.00 23.64 ? 35  LEU A O   1 
ATOM   291 C CB  . LEU A 1 35 ? -5.696  1.057   7.610   1.00 22.58 ? 35  LEU A CB  1 
ATOM   292 C CG  . LEU A 1 35 ? -4.235  1.306   7.226   1.00 21.34 ? 35  LEU A CG  1 
ATOM   293 C CD1 . LEU A 1 35 ? -4.167  1.607   5.741   1.00 21.16 ? 35  LEU A CD1 1 
ATOM   294 C CD2 . LEU A 1 35 ? -3.665  2.476   8.038   1.00 23.27 ? 35  LEU A CD2 1 
ATOM   295 N N   . ASP A 1 36 ? -7.938  -0.530  9.444   1.00 25.32 ? 36  ASP A N   1 
ATOM   296 C CA  . ASP A 1 36 ? -9.358  -0.814  9.632   1.00 26.76 ? 36  ASP A CA  1 
ATOM   297 C C   . ASP A 1 36 ? -10.250 -0.020  8.676   1.00 27.08 ? 36  ASP A C   1 
ATOM   298 O O   . ASP A 1 36 ? -11.124 0.734   9.097   1.00 28.32 ? 36  ASP A O   1 
ATOM   299 C CB  . ASP A 1 36 ? -9.772  -0.535  11.083  1.00 31.62 ? 36  ASP A CB  1 
ATOM   300 C CG  . ASP A 1 36 ? -11.178 -1.026  11.393  1.00 33.89 ? 36  ASP A CG  1 
ATOM   301 O OD1 . ASP A 1 36 ? -11.529 -2.137  10.935  1.00 35.44 ? 36  ASP A OD1 1 
ATOM   302 O OD2 . ASP A 1 36 ? -11.925 -0.312  12.100  1.00 35.99 ? 36  ASP A OD2 1 
ATOM   303 N N   . LEU A 1 37 ? -10.025 -0.205  7.378   1.00 24.69 ? 37  LEU A N   1 
ATOM   304 C CA  . LEU A 1 37 ? -10.801 0.484   6.353   1.00 24.73 ? 37  LEU A CA  1 
ATOM   305 C C   . LEU A 1 37 ? -11.954 -0.381  5.853   1.00 22.62 ? 37  LEU A C   1 
ATOM   306 O O   . LEU A 1 37 ? -11.914 -1.604  5.969   1.00 21.01 ? 37  LEU A O   1 
ATOM   307 C CB  . LEU A 1 37 ? -9.907  0.806   5.152   1.00 27.36 ? 37  LEU A CB  1 
ATOM   308 C CG  . LEU A 1 37 ? -8.935  1.987   5.151   1.00 30.43 ? 37  LEU A CG  1 
ATOM   309 C CD1 . LEU A 1 37 ? -8.420  2.270   6.546   1.00 35.09 ? 37  LEU A CD1 1 
ATOM   310 C CD2 . LEU A 1 37 ? -7.799  1.669   4.180   1.00 29.61 ? 37  LEU A CD2 1 
ATOM   311 N N   . PRO A 1 38 ? -12.993 0.252   5.283   1.00 22.79 ? 38  PRO A N   1 
ATOM   312 C CA  . PRO A 1 38 ? -14.144 -0.486  4.753   1.00 21.64 ? 38  PRO A CA  1 
ATOM   313 C C   . PRO A 1 38 ? -13.596 -1.206  3.526   1.00 21.33 ? 38  PRO A C   1 
ATOM   314 O O   . PRO A 1 38 ? -12.609 -0.760  2.944   1.00 21.64 ? 38  PRO A O   1 
ATOM   315 C CB  . PRO A 1 38 ? -15.123 0.620   4.355   1.00 23.07 ? 38  PRO A CB  1 
ATOM   316 C CG  . PRO A 1 38 ? -14.709 1.787   5.192   1.00 26.22 ? 38  PRO A CG  1 
ATOM   317 C CD  . PRO A 1 38 ? -13.214 1.702   5.186   1.00 22.05 ? 38  PRO A CD  1 
ATOM   318 N N   . PHE A 1 39 ? -14.231 -2.300  3.134   1.00 19.44 ? 39  PHE A N   1 
ATOM   319 C CA  . PHE A 1 39 ? -13.774 -3.075  1.991   1.00 19.57 ? 39  PHE A CA  1 
ATOM   320 C C   . PHE A 1 39 ? -13.536 -2.263  0.731   1.00 17.69 ? 39  PHE A C   1 
ATOM   321 O O   . PHE A 1 39 ? -12.542 -2.485  0.040   1.00 16.55 ? 39  PHE A O   1 
ATOM   322 C CB  . PHE A 1 39 ? -14.763 -4.194  1.667   1.00 19.76 ? 39  PHE A CB  1 
ATOM   323 C CG  . PHE A 1 39 ? -14.392 -4.987  0.441   1.00 19.75 ? 39  PHE A CG  1 
ATOM   324 C CD1 . PHE A 1 39 ? -13.408 -5.970  0.500   1.00 22.98 ? 39  PHE A CD1 1 
ATOM   325 C CD2 . PHE A 1 39 ? -14.998 -4.716  -0.777  1.00 20.61 ? 39  PHE A CD2 1 
ATOM   326 C CE1 . PHE A 1 39 ? -13.032 -6.675  -0.648  1.00 22.81 ? 39  PHE A CE1 1 
ATOM   327 C CE2 . PHE A 1 39 ? -14.630 -5.410  -1.923  1.00 20.00 ? 39  PHE A CE2 1 
ATOM   328 C CZ  . PHE A 1 39 ? -13.647 -6.391  -1.858  1.00 20.72 ? 39  PHE A CZ  1 
ATOM   329 N N   . ASP A 1 40 ? -14.438 -1.336  0.418   1.00 19.04 ? 40  ASP A N   1 
ATOM   330 C CA  . ASP A 1 40 ? -14.267 -0.555  -0.804  1.00 20.73 ? 40  ASP A CA  1 
ATOM   331 C C   . ASP A 1 40 ? -12.932 0.179   -0.837  1.00 20.33 ? 40  ASP A C   1 
ATOM   332 O O   . ASP A 1 40 ? -12.276 0.226   -1.878  1.00 19.05 ? 40  ASP A O   1 
ATOM   333 C CB  . ASP A 1 40 ? -15.430 0.429   -1.014  1.00 24.06 ? 40  ASP A CB  1 
ATOM   334 C CG  . ASP A 1 40 ? -15.505 1.510   0.052   1.00 27.66 ? 40  ASP A CG  1 
ATOM   335 O OD1 . ASP A 1 40 ? -16.034 2.600   -0.259  1.00 34.29 ? 40  ASP A OD1 1 
ATOM   336 O OD2 . ASP A 1 40 ? -15.060 1.283   1.191   1.00 33.71 ? 40  ASP A OD2 1 
ATOM   337 N N   . LYS A 1 41 ? -12.535 0.755   0.293   1.00 19.44 ? 41  LYS A N   1 
ATOM   338 C CA  . LYS A 1 41 ? -11.257 1.456   0.366   1.00 17.83 ? 41  LYS A CA  1 
ATOM   339 C C   . LYS A 1 41 ? -10.092 0.464   0.420   1.00 15.27 ? 41  LYS A C   1 
ATOM   340 O O   . LYS A 1 41 ? -9.016  0.752   -0.087  1.00 14.32 ? 41  LYS A O   1 
ATOM   341 C CB  . LYS A 1 41 ? -11.228 2.389   1.582   1.00 20.08 ? 41  LYS A CB  1 
ATOM   342 C CG  . LYS A 1 41 ? -12.244 3.521   1.483   1.00 26.27 ? 41  LYS A CG  1 
ATOM   343 C CD  . LYS A 1 41 ? -12.066 4.543   2.605   1.00 29.30 ? 41  LYS A CD  1 
ATOM   344 C CE  . LYS A 1 41 ? -13.090 5.666   2.477   1.00 33.08 ? 41  LYS A CE  1 
ATOM   345 N NZ  . LYS A 1 41 ? -13.121 6.235   1.095   1.00 34.43 ? 41  LYS A NZ  1 
ATOM   346 N N   . GLN A 1 42 ? -10.299 -0.696  1.041   1.00 14.80 ? 42  GLN A N   1 
ATOM   347 C CA  . GLN A 1 42 ? -9.244  -1.706  1.095   1.00 16.34 ? 42  GLN A CA  1 
ATOM   348 C C   . GLN A 1 42 ? -8.925  -2.126  -0.343  1.00 15.47 ? 42  GLN A C   1 
ATOM   349 O O   . GLN A 1 42 ? -7.762  -2.311  -0.716  1.00 15.13 ? 42  GLN A O   1 
ATOM   350 C CB  . GLN A 1 42 ? -9.706  -2.950  1.858   1.00 18.05 ? 42  GLN A CB  1 
ATOM   351 C CG  . GLN A 1 42 ? -9.765  -2.827  3.366   1.00 21.47 ? 42  GLN A CG  1 
ATOM   352 C CD  . GLN A 1 42 ? -10.296 -4.103  3.998   1.00 22.66 ? 42  GLN A CD  1 
ATOM   353 O OE1 . GLN A 1 42 ? -11.498 -4.245  4.230   1.00 26.25 ? 42  GLN A OE1 1 
ATOM   354 N NE2 . GLN A 1 42 ? -9.404  -5.051  4.248   1.00 24.09 ? 42  GLN A NE2 1 
ATOM   355 N N   . LEU A 1 43 ? -9.975  -2.280  -1.142  1.00 15.96 ? 43  LEU A N   1 
ATOM   356 C CA  . LEU A 1 43 ? -9.810  -2.700  -2.532  1.00 15.14 ? 43  LEU A CA  1 
ATOM   357 C C   . LEU A 1 43 ? -9.042  -1.652  -3.329  1.00 15.79 ? 43  LEU A C   1 
ATOM   358 O O   . LEU A 1 43 ? -8.214  -2.000  -4.168  1.00 14.68 ? 43  LEU A O   1 
ATOM   359 C CB  . LEU A 1 43 ? -11.175 -2.969  -3.184  1.00 15.42 ? 43  LEU A CB  1 
ATOM   360 C CG  . LEU A 1 43 ? -11.196 -3.493  -4.629  1.00 15.28 ? 43  LEU A CG  1 
ATOM   361 C CD1 . LEU A 1 43 ? -10.510 -4.848  -4.708  1.00 17.61 ? 43  LEU A CD1 1 
ATOM   362 C CD2 . LEU A 1 43 ? -12.634 -3.607  -5.102  1.00 17.84 ? 43  LEU A CD2 1 
ATOM   363 N N   . ALA A 1 44 ? -9.308  -0.375  -3.064  1.00 14.34 ? 44  ALA A N   1 
ATOM   364 C CA  . ALA A 1 44 ? -8.595  0.698   -3.758  1.00 13.61 ? 44  ALA A CA  1 
ATOM   365 C C   . ALA A 1 44 ? -7.118  0.665   -3.350  1.00 12.75 ? 44  ALA A C   1 
ATOM   366 O O   . ALA A 1 44 ? -6.231  0.838   -4.183  1.00 16.38 ? 44  ALA A O   1 
ATOM   367 C CB  . ALA A 1 44 ? -9.216  2.061   -3.412  1.00 15.46 ? 44  ALA A CB  1 
ATOM   368 N N   . LEU A 1 45 ? -6.861  0.443   -2.060  1.00 12.99 ? 45  LEU A N   1 
ATOM   369 C CA  . LEU A 1 45 ? -5.491  0.358   -1.561  1.00 14.10 ? 45  LEU A CA  1 
ATOM   370 C C   . LEU A 1 45 ? -4.755  -0.827  -2.207  1.00 14.36 ? 45  LEU A C   1 
ATOM   371 O O   . LEU A 1 45 ? -3.591  -0.720  -2.596  1.00 16.71 ? 45  LEU A O   1 
ATOM   372 C CB  . LEU A 1 45 ? -5.510  0.209   -0.031  1.00 16.84 ? 45  LEU A CB  1 
ATOM   373 C CG  . LEU A 1 45 ? -4.174  -0.026  0.678   1.00 16.27 ? 45  LEU A CG  1 
ATOM   374 C CD1 . LEU A 1 45 ? -3.226  1.127   0.355   1.00 17.12 ? 45  LEU A CD1 1 
ATOM   375 C CD2 . LEU A 1 45 ? -4.396  -0.118  2.192   1.00 18.65 ? 45  LEU A CD2 1 
ATOM   376 N N   . TYR A 1 46 ? -5.445  -1.957  -2.335  1.00 14.78 ? 46  TYR A N   1 
ATOM   377 C CA  . TYR A 1 46 ? -4.848  -3.146  -2.934  1.00 13.94 ? 46  TYR A CA  1 
ATOM   378 C C   . TYR A 1 46 ? -4.574  -2.943  -4.422  1.00 14.22 ? 46  TYR A C   1 
ATOM   379 O O   . TYR A 1 46 ? -3.461  -3.155  -4.904  1.00 16.31 ? 46  TYR A O   1 
ATOM   380 C CB  . TYR A 1 46 ? -5.790  -4.347  -2.789  1.00 15.66 ? 46  TYR A CB  1 
ATOM   381 C CG  . TYR A 1 46 ? -5.236  -5.615  -3.407  1.00 13.94 ? 46  TYR A CG  1 
ATOM   382 C CD1 . TYR A 1 46 ? -4.312  -6.394  -2.713  1.00 17.81 ? 46  TYR A CD1 1 
ATOM   383 C CD2 . TYR A 1 46 ? -5.591  -6.003  -4.700  1.00 17.22 ? 46  TYR A CD2 1 
ATOM   384 C CE1 . TYR A 1 46 ? -3.749  -7.531  -3.293  1.00 17.86 ? 46  TYR A CE1 1 
ATOM   385 C CE2 . TYR A 1 46 ? -5.032  -7.134  -5.290  1.00 18.57 ? 46  TYR A CE2 1 
ATOM   386 C CZ  . TYR A 1 46 ? -4.112  -7.891  -4.582  1.00 21.62 ? 46  TYR A CZ  1 
ATOM   387 O OH  . TYR A 1 46 ? -3.527  -8.997  -5.165  1.00 22.61 ? 46  TYR A OH  1 
ATOM   388 N N   . ALA A 1 47 ? -5.594  -2.509  -5.154  1.00 14.34 ? 47  ALA A N   1 
ATOM   389 C CA  . ALA A 1 47 ? -5.458  -2.356  -6.605  1.00 14.12 ? 47  ALA A CA  1 
ATOM   390 C C   . ALA A 1 47 ? -4.498  -1.286  -7.080  1.00 15.43 ? 47  ALA A C   1 
ATOM   391 O O   . ALA A 1 47 ? -3.853  -1.442  -8.127  1.00 17.19 ? 47  ALA A O   1 
ATOM   392 C CB  . ALA A 1 47 ? -6.811  -2.108  -7.234  1.00 14.75 ? 47  ALA A CB  1 
ATOM   393 N N   . GLY A 1 48 ? -4.415  -0.204  -6.325  1.00 15.20 ? 48  GLY A N   1 
ATOM   394 C CA  . GLY A 1 48 ? -3.556  0.884   -6.737  1.00 16.41 ? 48  GLY A CA  1 
ATOM   395 C C   . GLY A 1 48 ? -2.173  0.842   -6.141  1.00 15.87 ? 48  GLY A C   1 
ATOM   396 O O   . GLY A 1 48 ? -1.264  1.475   -6.680  1.00 18.79 ? 48  GLY A O   1 
ATOM   397 N N   . ALA A 1 49 ? -1.991  0.095   -5.058  1.00 16.05 ? 49  ALA A N   1 
ATOM   398 C CA  . ALA A 1 49 ? -0.681  0.078   -4.414  1.00 17.18 ? 49  ALA A CA  1 
ATOM   399 C C   . ALA A 1 49 ? -0.146  -1.249  -3.902  1.00 17.65 ? 49  ALA A C   1 
ATOM   400 O O   . ALA A 1 49 ? 0.992   -1.615  -4.217  1.00 19.76 ? 49  ALA A O   1 
ATOM   401 C CB  . ALA A 1 49 ? -0.669  1.104   -3.272  1.00 18.91 ? 49  ALA A CB  1 
ATOM   402 N N   . LEU A 1 50 ? -0.929  -1.974  -3.109  1.00 16.14 ? 50  LEU A N   1 
ATOM   403 C CA  . LEU A 1 50 ? -0.422  -3.234  -2.563  1.00 19.25 ? 50  LEU A CA  1 
ATOM   404 C C   . LEU A 1 50 ? -0.179  -4.291  -3.630  1.00 19.71 ? 50  LEU A C   1 
ATOM   405 O O   . LEU A 1 50 ? 0.860   -4.957  -3.629  1.00 20.78 ? 50  LEU A O   1 
ATOM   406 C CB  . LEU A 1 50 ? -1.361  -3.781  -1.483  1.00 18.22 ? 50  LEU A CB  1 
ATOM   407 C CG  . LEU A 1 50 ? -1.726  -2.821  -0.340  1.00 19.07 ? 50  LEU A CG  1 
ATOM   408 C CD1 . LEU A 1 50 ? -2.452  -3.611  0.743   1.00 18.13 ? 50  LEU A CD1 1 
ATOM   409 C CD2 . LEU A 1 50 ? -0.492  -2.149  0.239   1.00 20.75 ? 50  LEU A CD2 1 
ATOM   410 N N   . GLY A 1 51 ? -1.130  -4.436  -4.548  1.00 20.05 ? 51  GLY A N   1 
ATOM   411 C CA  . GLY A 1 51 ? -0.986  -5.410  -5.615  1.00 22.97 ? 51  GLY A CA  1 
ATOM   412 C C   . GLY A 1 51 ? 0.197   -5.080  -6.498  1.00 22.15 ? 51  GLY A C   1 
ATOM   413 O O   . GLY A 1 51 ? 1.062   -5.932  -6.723  1.00 23.19 ? 51  GLY A O   1 
ATOM   414 N N   . PRO A 1 52 ? 0.272   -3.845  -7.021  1.00 21.55 ? 52  PRO A N   1 
ATOM   415 C CA  . PRO A 1 52 ? 1.395   -3.468  -7.882  1.00 21.10 ? 52  PRO A CA  1 
ATOM   416 C C   . PRO A 1 52 ? 2.749   -3.625  -7.189  1.00 21.42 ? 52  PRO A C   1 
ATOM   417 O O   . PRO A 1 52 ? 3.715   -4.082  -7.797  1.00 23.58 ? 52  PRO A O   1 
ATOM   418 C CB  . PRO A 1 52 ? 1.079   -2.022  -8.239  1.00 18.37 ? 52  PRO A CB  1 
ATOM   419 C CG  . PRO A 1 52 ? -0.426  -2.021  -8.279  1.00 19.62 ? 52  PRO A CG  1 
ATOM   420 C CD  . PRO A 1 52 ? -0.772  -2.802  -7.035  1.00 19.66 ? 52  PRO A CD  1 
ATOM   421 N N   . ALA A 1 53 ? 2.816   -3.255  -5.915  1.00 20.21 ? 53  ALA A N   1 
ATOM   422 C CA  . ALA A 1 53 ? 4.062   -3.389  -5.168  1.00 21.90 ? 53  ALA A CA  1 
ATOM   423 C C   . ALA A 1 53 ? 4.460   -4.860  -5.044  1.00 23.60 ? 53  ALA A C   1 
ATOM   424 O O   . ALA A 1 53 ? 5.647   -5.202  -5.136  1.00 25.27 ? 53  ALA A O   1 
ATOM   425 C CB  . ALA A 1 53 ? 3.900   -2.775  -3.779  1.00 20.15 ? 53  ALA A CB  1 
ATOM   426 N N   . SER A 1 54 ? 3.468   -5.723  -4.826  1.00 24.81 ? 54  SER A N   1 
ATOM   427 C CA  . SER A 1 54 ? 3.696   -7.161  -4.673  1.00 26.39 ? 54  SER A CA  1 
ATOM   428 C C   . SER A 1 54 ? 4.105   -7.826  -5.985  1.00 28.64 ? 54  SER A C   1 
ATOM   429 O O   . SER A 1 54 ? 4.885   -8.781  -5.992  1.00 30.30 ? 54  SER A O   1 
ATOM   430 C CB  . SER A 1 54 ? 2.432   -7.846  -4.131  1.00 27.53 ? 54  SER A CB  1 
ATOM   431 O OG  . SER A 1 54 ? 2.047   -7.312  -2.871  1.00 26.86 ? 54  SER A OG  1 
ATOM   432 N N   . SER A 1 55 ? 3.579   -7.317  -7.095  1.00 29.30 ? 55  SER A N   1 
ATOM   433 C CA  . SER A 1 55 ? 3.879   -7.872  -8.413  1.00 31.38 ? 55  SER A CA  1 
ATOM   434 C C   . SER A 1 55 ? 5.193   -7.342  -8.983  1.00 33.14 ? 55  SER A C   1 
ATOM   435 O O   . SER A 1 55 ? 5.626   -7.769  -10.054 1.00 34.31 ? 55  SER A O   1 
ATOM   436 C CB  . SER A 1 55 ? 2.738   -7.567  -9.389  1.00 31.19 ? 55  SER A CB  1 
ATOM   437 O OG  . SER A 1 55 ? 2.771   -6.215  -9.822  1.00 32.27 ? 55  SER A OG  1 
ATOM   438 N N   . GLY A 1 56 ? 5.818   -6.410  -8.268  1.00 33.58 ? 56  GLY A N   1 
ATOM   439 C CA  . GLY A 1 56 ? 7.079   -5.846  -8.715  1.00 35.29 ? 56  GLY A CA  1 
ATOM   440 C C   . GLY A 1 56 ? 6.953   -4.777  -9.783  1.00 37.00 ? 56  GLY A C   1 
ATOM   441 O O   . GLY A 1 56 ? 7.854   -4.605  -10.606 1.00 37.42 ? 56  GLY A O   1 
ATOM   442 N N   . LYS A 1 57 ? 5.840   -4.050  -9.779  1.00 37.20 ? 57  LYS A N   1 
ATOM   443 C CA  . LYS A 1 57 ? 5.626   -2.997  -10.765 1.00 39.19 ? 57  LYS A CA  1 
ATOM   444 C C   . LYS A 1 57 ? 6.016   -1.623  -10.235 1.00 39.99 ? 57  LYS A C   1 
ATOM   445 O O   . LYS A 1 57 ? 5.976   -0.630  -10.959 1.00 40.00 ? 57  LYS A O   1 
ATOM   446 C CB  . LYS A 1 57 ? 4.169   -3.000  -11.230 1.00 40.41 ? 57  LYS A CB  1 
ATOM   447 C CG  . LYS A 1 57 ? 3.800   -4.259  -11.991 1.00 43.29 ? 57  LYS A CG  1 
ATOM   448 C CD  . LYS A 1 57 ? 2.424   -4.162  -12.618 1.00 45.75 ? 57  LYS A CD  1 
ATOM   449 C CE  . LYS A 1 57 ? 2.102   -5.421  -13.409 1.00 46.54 ? 57  LYS A CE  1 
ATOM   450 N NZ  . LYS A 1 57 ? 3.071   -5.642  -14.519 1.00 48.80 ? 57  LYS A NZ  1 
ATOM   451 N N   . LEU A 1 58 ? 6.388   -1.577  -8.960  1.00 41.60 ? 58  LEU A N   1 
ATOM   452 C CA  . LEU A 1 58 ? 6.828   -0.343  -8.326  1.00 44.06 ? 58  LEU A CA  1 
ATOM   453 C C   . LEU A 1 58 ? 8.312   -0.523  -8.019  1.00 46.30 ? 58  LEU A C   1 
ATOM   454 O O   . LEU A 1 58 ? 9.141   -0.446  -8.922  1.00 46.95 ? 58  LEU A O   1 
ATOM   455 C CB  . LEU A 1 58 ? 6.030   -0.085  -7.043  1.00 43.20 ? 58  LEU A CB  1 
ATOM   456 C CG  . LEU A 1 58 ? 4.688   0.647   -7.183  1.00 43.60 ? 58  LEU A CG  1 
ATOM   457 C CD1 . LEU A 1 58 ? 3.893   0.109   -8.355  1.00 43.70 ? 58  LEU A CD1 1 
ATOM   458 C CD2 . LEU A 1 58 ? 3.908   0.501   -5.888  1.00 41.67 ? 58  LEU A CD2 1 
ATOM   459 N N   . GLU A 1 59 ? 8.645   -0.773  -6.755  1.00 48.81 ? 59  GLU A N   1 
ATOM   460 C CA  . GLU A 1 59 ? 10.036  -0.984  -6.352  1.00 52.51 ? 59  GLU A CA  1 
ATOM   461 C C   . GLU A 1 59 ? 10.934  0.208   -6.676  1.00 53.42 ? 59  GLU A C   1 
ATOM   462 O O   . GLU A 1 59 ? 12.146  0.162   -6.453  1.00 54.37 ? 59  GLU A O   1 
ATOM   463 C CB  . GLU A 1 59 ? 10.591  -2.237  -7.039  1.00 54.74 ? 59  GLU A CB  1 
ATOM   464 C CG  . GLU A 1 59 ? 9.827   -3.514  -6.717  1.00 57.50 ? 59  GLU A CG  1 
ATOM   465 C CD  . GLU A 1 59 ? 10.276  -4.701  -7.551  1.00 59.23 ? 59  GLU A CD  1 
ATOM   466 O OE1 . GLU A 1 59 ? 9.744   -5.811  -7.333  1.00 60.48 ? 59  GLU A OE1 1 
ATOM   467 O OE2 . GLU A 1 59 ? 11.152  -4.528  -8.426  1.00 59.75 ? 59  GLU A OE2 1 
ATOM   468 N N   . ASN A 1 60 ? 10.339  1.273   -7.204  1.00 54.00 ? 60  ASN A N   1 
ATOM   469 C CA  . ASN A 1 60 ? 11.089  2.470   -7.562  1.00 53.26 ? 60  ASN A CA  1 
ATOM   470 C C   . ASN A 1 60 ? 10.573  3.679   -6.786  1.00 52.21 ? 60  ASN A C   1 
ATOM   471 O O   . ASN A 1 60 ? 9.369   3.826   -6.586  1.00 51.98 ? 60  ASN A O   1 
ATOM   472 C CB  . ASN A 1 60 ? 10.965  2.731   -9.062  1.00 54.86 ? 60  ASN A CB  1 
ATOM   473 C CG  . ASN A 1 60 ? 11.911  3.802   -9.543  1.00 54.78 ? 60  ASN A CG  1 
ATOM   474 O OD1 . ASN A 1 60 ? 11.938  4.909   -9.006  1.00 55.44 ? 60  ASN A OD1 1 
ATOM   475 N ND2 . ASN A 1 60 ? 12.695  3.482   -10.563 1.00 56.18 ? 60  ASN A ND2 1 
ATOM   476 N N   . HIS A 1 61 ? 11.489  4.542   -6.357  1.00 50.16 ? 61  HIS A N   1 
ATOM   477 C CA  . HIS A 1 61 ? 11.129  5.737   -5.598  1.00 48.54 ? 61  HIS A CA  1 
ATOM   478 C C   . HIS A 1 61 ? 9.966   6.500   -6.233  1.00 46.33 ? 61  HIS A C   1 
ATOM   479 O O   . HIS A 1 61 ? 8.924   6.692   -5.608  1.00 45.97 ? 61  HIS A O   1 
ATOM   480 C CB  . HIS A 1 61 ? 12.346  6.660   -5.476  1.00 50.63 ? 61  HIS A CB  1 
ATOM   481 C CG  . HIS A 1 61 ? 12.131  7.838   -4.575  1.00 52.51 ? 61  HIS A CG  1 
ATOM   482 N ND1 . HIS A 1 61 ? 13.098  8.795   -4.361  1.00 54.38 ? 61  HIS A ND1 1 
ATOM   483 C CD2 . HIS A 1 61 ? 11.063  8.209   -3.828  1.00 53.80 ? 61  HIS A CD2 1 
ATOM   484 C CE1 . HIS A 1 61 ? 12.637  9.706   -3.522  1.00 54.48 ? 61  HIS A CE1 1 
ATOM   485 N NE2 . HIS A 1 61 ? 11.404  9.374   -3.184  1.00 54.95 ? 61  HIS A NE2 1 
ATOM   486 N N   . GLU A 1 62 ? 10.152  6.927   -7.478  1.00 44.38 ? 62  GLU A N   1 
ATOM   487 C CA  . GLU A 1 62 ? 9.132   7.682   -8.200  1.00 42.02 ? 62  GLU A CA  1 
ATOM   488 C C   . GLU A 1 62 ? 7.820   6.908   -8.336  1.00 38.64 ? 62  GLU A C   1 
ATOM   489 O O   . GLU A 1 62 ? 6.746   7.440   -8.052  1.00 38.50 ? 62  GLU A O   1 
ATOM   490 C CB  . GLU A 1 62 ? 9.648   8.055   -9.592  1.00 44.86 ? 62  GLU A CB  1 
ATOM   491 C CG  . GLU A 1 62 ? 8.746   9.005   -10.370 1.00 47.79 ? 62  GLU A CG  1 
ATOM   492 C CD  . GLU A 1 62 ? 8.860   10.443  -9.899  1.00 50.87 ? 62  GLU A CD  1 
ATOM   493 O OE1 . GLU A 1 62 ? 8.658   10.701  -8.692  1.00 53.27 ? 62  GLU A OE1 1 
ATOM   494 O OE2 . GLU A 1 62 ? 9.154   11.319  -10.740 1.00 52.72 ? 62  GLU A OE2 1 
ATOM   495 N N   . ALA A 1 63 ? 7.918   5.657   -8.777  1.00 34.71 ? 63  ALA A N   1 
ATOM   496 C CA  . ALA A 1 63 ? 6.744   4.806   -8.965  1.00 32.65 ? 63  ALA A CA  1 
ATOM   497 C C   . ALA A 1 63 ? 6.011   4.562   -7.649  1.00 31.58 ? 63  ALA A C   1 
ATOM   498 O O   . ALA A 1 63 ? 4.779   4.526   -7.604  1.00 28.07 ? 63  ALA A O   1 
ATOM   499 C CB  . ALA A 1 63 ? 7.160   3.476   -9.585  1.00 33.07 ? 63  ALA A CB  1 
ATOM   500 N N   . ILE A 1 64 ? 6.775   4.386   -6.579  1.00 30.62 ? 64  ILE A N   1 
ATOM   501 C CA  . ILE A 1 64 ? 6.193   4.157   -5.263  1.00 30.31 ? 64  ILE A CA  1 
ATOM   502 C C   . ILE A 1 64 ? 5.508   5.418   -4.749  1.00 29.86 ? 64  ILE A C   1 
ATOM   503 O O   . ILE A 1 64 ? 4.385   5.364   -4.251  1.00 29.56 ? 64  ILE A O   1 
ATOM   504 C CB  . ILE A 1 64 ? 7.267   3.699   -4.248  1.00 30.93 ? 64  ILE A CB  1 
ATOM   505 C CG1 . ILE A 1 64 ? 7.693   2.263   -4.568  1.00 33.33 ? 64  ILE A CG1 1 
ATOM   506 C CG2 . ILE A 1 64 ? 6.727   3.807   -2.825  1.00 30.74 ? 64  ILE A CG2 1 
ATOM   507 C CD1 . ILE A 1 64 ? 8.651   1.650   -3.567  1.00 35.55 ? 64  ILE A CD1 1 
ATOM   508 N N   . SER A 1 65 ? 6.187   6.554   -4.875  1.00 29.64 ? 65  SER A N   1 
ATOM   509 C CA  . SER A 1 65 ? 5.631   7.820   -4.422  1.00 29.10 ? 65  SER A CA  1 
ATOM   510 C C   . SER A 1 65 ? 4.336   8.155   -5.156  1.00 28.18 ? 65  SER A C   1 
ATOM   511 O O   . SER A 1 65 ? 3.399   8.681   -4.558  1.00 27.12 ? 65  SER A O   1 
ATOM   512 C CB  . SER A 1 65 ? 6.652   8.942   -4.630  1.00 31.40 ? 65  SER A CB  1 
ATOM   513 O OG  . SER A 1 65 ? 6.104   10.191  -4.266  1.00 34.44 ? 65  SER A OG  1 
ATOM   514 N N   . ASN A 1 66 ? 4.283   7.847   -6.450  1.00 28.23 ? 66  ASN A N   1 
ATOM   515 C CA  . ASN A 1 66 ? 3.087   8.125   -7.237  1.00 28.66 ? 66  ASN A CA  1 
ATOM   516 C C   . ASN A 1 66 ? 1.932   7.226   -6.807  1.00 26.65 ? 66  ASN A C   1 
ATOM   517 O O   . ASN A 1 66 ? 0.786   7.667   -6.723  1.00 26.99 ? 66  ASN A O   1 
ATOM   518 C CB  . ASN A 1 66 ? 3.369   7.944   -8.737  1.00 32.47 ? 66  ASN A CB  1 
ATOM   519 C CG  . ASN A 1 66 ? 4.263   9.036   -9.301  1.00 36.90 ? 66  ASN A CG  1 
ATOM   520 O OD1 . ASN A 1 66 ? 4.062   10.221  -9.022  1.00 39.97 ? 66  ASN A OD1 1 
ATOM   521 N ND2 . ASN A 1 66 ? 5.246   8.645   -10.108 1.00 38.82 ? 66  ASN A ND2 1 
ATOM   522 N N   . ALA A 1 67 ? 2.228   5.961   -6.533  1.00 24.88 ? 67  ALA A N   1 
ATOM   523 C CA  . ALA A 1 67 ? 1.182   5.040   -6.102  1.00 23.84 ? 67  ALA A CA  1 
ATOM   524 C C   . ALA A 1 67 ? 0.621   5.503   -4.759  1.00 23.31 ? 67  ALA A C   1 
ATOM   525 O O   . ALA A 1 67 ? -0.591  5.563   -4.565  1.00 22.70 ? 67  ALA A O   1 
ATOM   526 C CB  . ALA A 1 67 ? 1.738   3.629   -5.986  1.00 24.01 ? 67  ALA A CB  1 
ATOM   527 N N   . VAL A 1 68 ? 1.509   5.844   -3.835  1.00 22.73 ? 68  VAL A N   1 
ATOM   528 C CA  . VAL A 1 68 ? 1.083   6.304   -2.518  1.00 22.87 ? 68  VAL A CA  1 
ATOM   529 C C   . VAL A 1 68 ? 0.213   7.550   -2.604  1.00 22.75 ? 68  VAL A C   1 
ATOM   530 O O   . VAL A 1 68 ? -0.876  7.601   -2.031  1.00 21.22 ? 68  VAL A O   1 
ATOM   531 C CB  . VAL A 1 68 ? 2.294   6.609   -1.619  1.00 22.72 ? 68  VAL A CB  1 
ATOM   532 C CG1 . VAL A 1 68 ? 1.818   7.176   -0.291  1.00 23.54 ? 68  VAL A CG1 1 
ATOM   533 C CG2 . VAL A 1 68 ? 3.099   5.339   -1.392  1.00 23.72 ? 68  VAL A CG2 1 
ATOM   534 N N   . ASP A 1 69 ? 0.685   8.561   -3.322  1.00 24.61 ? 69  ASP A N   1 
ATOM   535 C CA  . ASP A 1 69 ? -0.080  9.791   -3.446  1.00 25.96 ? 69  ASP A CA  1 
ATOM   536 C C   . ASP A 1 69 ? -1.449  9.569   -4.075  1.00 24.76 ? 69  ASP A C   1 
ATOM   537 O O   . ASP A 1 69 ? -2.442  10.149  -3.633  1.00 24.59 ? 69  ASP A O   1 
ATOM   538 C CB  . ASP A 1 69 ? 0.705   10.833  -4.249  1.00 28.26 ? 69  ASP A CB  1 
ATOM   539 C CG  . ASP A 1 69 ? 1.949   11.302  -3.530  1.00 33.06 ? 69  ASP A CG  1 
ATOM   540 O OD1 . ASP A 1 69 ? 2.066   11.040  -2.311  1.00 33.96 ? 69  ASP A OD1 1 
ATOM   541 O OD2 . ASP A 1 69 ? 2.804   11.940  -4.181  1.00 34.71 ? 69  ASP A OD2 1 
ATOM   542 N N   . SER A 1 70 ? -1.503  8.714   -5.093  1.00 24.84 ? 70  SER A N   1 
ATOM   543 C CA  . SER A 1 70 ? -2.760  8.432   -5.771  1.00 24.26 ? 70  SER A CA  1 
ATOM   544 C C   . SER A 1 70 ? -3.748  7.687   -4.893  1.00 21.32 ? 70  SER A C   1 
ATOM   545 O O   . SER A 1 70 ? -4.915  8.040   -4.839  1.00 20.78 ? 70  SER A O   1 
ATOM   546 C CB  . SER A 1 70 ? -2.512  7.622   -7.044  1.00 25.09 ? 70  SER A CB  1 
ATOM   547 O OG  . SER A 1 70 ? -1.759  8.384   -7.974  1.00 29.09 ? 70  SER A OG  1 
ATOM   548 N N   . VAL A 1 71 ? -3.285  6.649   -4.208  1.00 19.75 ? 71  VAL A N   1 
ATOM   549 C CA  . VAL A 1 71 ? -4.188  5.900   -3.356  1.00 21.69 ? 71  VAL A CA  1 
ATOM   550 C C   . VAL A 1 71 ? -4.674  6.753   -2.196  1.00 22.49 ? 71  VAL A C   1 
ATOM   551 O O   . VAL A 1 71 ? -5.846  6.685   -1.833  1.00 23.23 ? 71  VAL A O   1 
ATOM   552 C CB  . VAL A 1 71 ? -3.533  4.601   -2.830  1.00 22.40 ? 71  VAL A CB  1 
ATOM   553 C CG1 . VAL A 1 71 ? -4.321  4.044   -1.648  1.00 23.50 ? 71  VAL A CG1 1 
ATOM   554 C CG2 . VAL A 1 71 ? -3.504  3.562   -3.949  1.00 21.67 ? 71  VAL A CG2 1 
ATOM   555 N N   . VAL A 1 72 ? -3.790  7.564   -1.626  1.00 22.41 ? 72  VAL A N   1 
ATOM   556 C CA  . VAL A 1 72 ? -4.201  8.408   -0.512  1.00 23.32 ? 72  VAL A CA  1 
ATOM   557 C C   . VAL A 1 72 ? -5.328  9.329   -0.970  1.00 23.90 ? 72  VAL A C   1 
ATOM   558 O O   . VAL A 1 72 ? -6.290  9.564   -0.237  1.00 21.84 ? 72  VAL A O   1 
ATOM   559 C CB  . VAL A 1 72 ? -3.026  9.245   0.031   1.00 25.25 ? 72  VAL A CB  1 
ATOM   560 C CG1 . VAL A 1 72 ? -3.543  10.284  1.014   1.00 24.98 ? 72  VAL A CG1 1 
ATOM   561 C CG2 . VAL A 1 72 ? -2.016  8.330   0.729   1.00 27.19 ? 72  VAL A CG2 1 
ATOM   562 N N   . GLN A 1 73 ? -5.214  9.843   -2.189  1.00 22.96 ? 73  GLN A N   1 
ATOM   563 C CA  . GLN A 1 73 ? -6.251  10.720  -2.720  1.00 26.32 ? 73  GLN A CA  1 
ATOM   564 C C   . GLN A 1 73 ? -7.572  9.947   -2.794  1.00 25.50 ? 73  GLN A C   1 
ATOM   565 O O   . GLN A 1 73 ? -8.629  10.487  -2.474  1.00 26.61 ? 73  GLN A O   1 
ATOM   566 C CB  . GLN A 1 73 ? -5.854  11.238  -4.103  1.00 28.32 ? 73  GLN A CB  1 
ATOM   567 C CG  . GLN A 1 73 ? -6.829  12.252  -4.700  1.00 36.19 ? 73  GLN A CG  1 
ATOM   568 C CD  . GLN A 1 73 ? -6.351  12.814  -6.033  1.00 41.40 ? 73  GLN A CD  1 
ATOM   569 O OE1 . GLN A 1 73 ? -7.046  13.612  -6.668  1.00 44.06 ? 73  GLN A OE1 1 
ATOM   570 N NE2 . GLN A 1 73 ? -5.159  12.399  -6.462  1.00 44.24 ? 73  GLN A NE2 1 
ATOM   571 N N   . LEU A 1 74 ? -7.511  8.684   -3.207  1.00 24.76 ? 74  LEU A N   1 
ATOM   572 C CA  . LEU A 1 74 ? -8.713  7.860   -3.297  1.00 24.93 ? 74  LEU A CA  1 
ATOM   573 C C   . LEU A 1 74 ? -9.308  7.562   -1.925  1.00 26.48 ? 74  LEU A C   1 
ATOM   574 O O   . LEU A 1 74 ? -10.525 7.464   -1.783  1.00 29.32 ? 74  LEU A O   1 
ATOM   575 C CB  . LEU A 1 74 ? -8.403  6.535   -3.991  1.00 24.25 ? 74  LEU A CB  1 
ATOM   576 C CG  . LEU A 1 74 ? -8.036  6.593   -5.472  1.00 22.39 ? 74  LEU A CG  1 
ATOM   577 C CD1 . LEU A 1 74 ? -7.492  5.240   -5.890  1.00 21.45 ? 74  LEU A CD1 1 
ATOM   578 C CD2 . LEU A 1 74 ? -9.246  6.993   -6.306  1.00 21.09 ? 74  LEU A CD2 1 
ATOM   579 N N   . LEU A 1 75 ? -8.443  7.401   -0.929  1.00 26.51 ? 75  LEU A N   1 
ATOM   580 C CA  . LEU A 1 75 ? -8.869  7.108   0.435   1.00 29.18 ? 75  LEU A CA  1 
ATOM   581 C C   . LEU A 1 75 ? -9.544  8.311   1.092   1.00 32.58 ? 75  LEU A C   1 
ATOM   582 O O   . LEU A 1 75 ? -10.290 8.163   2.058   1.00 32.77 ? 75  LEU A O   1 
ATOM   583 C CB  . LEU A 1 75 ? -7.664  6.659   1.270   1.00 28.84 ? 75  LEU A CB  1 
ATOM   584 C CG  . LEU A 1 75 ? -7.091  5.295   0.872   1.00 29.60 ? 75  LEU A CG  1 
ATOM   585 C CD1 . LEU A 1 75 ? -5.780  5.021   1.599   1.00 28.87 ? 75  LEU A CD1 1 
ATOM   586 C CD2 . LEU A 1 75 ? -8.111  4.224   1.193   1.00 31.48 ? 75  LEU A CD2 1 
ATOM   587 N N   . GLU A 1 76 ? -9.275  9.502   0.570   1.00 36.76 ? 76  GLU A N   1 
ATOM   588 C CA  . GLU A 1 76 ? -9.886  10.713  1.106   1.00 42.63 ? 76  GLU A CA  1 
ATOM   589 C C   . GLU A 1 76 ? -11.034 11.119  0.183   1.00 45.26 ? 76  GLU A C   1 
ATOM   590 O O   . GLU A 1 76 ? -10.959 10.923  -1.029  1.00 46.38 ? 76  GLU A O   1 
ATOM   591 C CB  . GLU A 1 76 ? -8.850  11.838  1.198   1.00 44.10 ? 76  GLU A CB  1 
ATOM   592 C CG  . GLU A 1 76 ? -8.108  12.117  -0.098  1.00 48.56 ? 76  GLU A CG  1 
ATOM   593 C CD  . GLU A 1 76 ? -7.118  13.263  0.026   1.00 49.71 ? 76  GLU A CD  1 
ATOM   594 O OE1 . GLU A 1 76 ? -7.558  14.410  0.256   1.00 52.80 ? 76  GLU A OE1 1 
ATOM   595 O OE2 . GLU A 1 76 ? -5.899  13.017  -0.108  1.00 50.65 ? 76  GLU A OE2 1 
ATOM   596 N N   . ILE A 1 77 ? -12.100 11.670  0.754   1.00 47.52 ? 77  ILE A N   1 
ATOM   597 C CA  . ILE A 1 77 ? -13.249 12.084  -0.047  1.00 49.48 ? 77  ILE A CA  1 
ATOM   598 C C   . ILE A 1 77 ? -13.648 13.526  0.261   1.00 49.88 ? 77  ILE A C   1 
ATOM   599 O O   . ILE A 1 77 ? -14.643 13.778  0.944   1.00 50.08 ? 77  ILE A O   1 
ATOM   600 C CB  . ILE A 1 77 ? -14.466 11.162  0.203   1.00 49.69 ? 77  ILE A CB  1 
ATOM   601 C CG1 . ILE A 1 77 ? -14.061 9.697   0.012   1.00 49.75 ? 77  ILE A CG1 1 
ATOM   602 C CG2 . ILE A 1 77 ? -15.592 11.510  -0.764  1.00 50.09 ? 77  ILE A CG2 1 
ATOM   603 C CD1 . ILE A 1 77 ? -15.174 8.705   0.318   1.00 50.61 ? 77  ILE A CD1 1 
ATOM   604 O OXT . ILE A 1 77 ? -12.903 14.421  -0.192  1.00 51.30 ? 77  ILE A OXT 1 
HETATM 605 O O   . HOH B 2 .  ? -4.072  -3.755  -9.548  1.00 18.81 ? 78  HOH A O   1 
HETATM 606 O O   . HOH B 2 .  ? -6.287  7.357   13.047  1.00 30.09 ? 79  HOH A O   1 
HETATM 607 O O   . HOH B 2 .  ? -4.130  -8.869  0.448   1.00 26.34 ? 80  HOH A O   1 
HETATM 608 O O   . HOH B 2 .  ? -8.401  -2.357  6.428   1.00 25.70 ? 81  HOH A O   1 
HETATM 609 O O   . HOH B 2 .  ? -9.035  -7.426  6.208   1.00 27.87 ? 82  HOH A O   1 
HETATM 610 O O   . HOH B 2 .  ? -0.030  -5.517  -10.514 1.00 24.35 ? 83  HOH A O   1 
HETATM 611 O O   . HOH B 2 .  ? 2.610   -4.440  7.151   1.00 30.08 ? 84  HOH A O   1 
HETATM 612 O O   . HOH B 2 .  ? -5.538  -11.036 3.305   1.00 27.39 ? 85  HOH A O   1 
HETATM 613 O O   . HOH B 2 .  ? 2.454   -14.062 4.037   1.00 34.32 ? 86  HOH A O   1 
HETATM 614 O O   . HOH B 2 .  ? -15.348 3.739   -2.572  1.00 36.00 ? 87  HOH A O   1 
HETATM 615 O O   . HOH B 2 .  ? -13.748 -3.171  12.031  1.00 40.56 ? 88  HOH A O   1 
HETATM 616 O O   . HOH B 2 .  ? -4.390  -11.176 -3.337  1.00 36.61 ? 89  HOH A O   1 
HETATM 617 O O   . HOH B 2 .  ? 0.045   -8.645  -7.151  1.00 43.15 ? 90  HOH A O   1 
HETATM 618 O O   . HOH B 2 .  ? -9.664  -8.755  10.147  1.00 46.01 ? 91  HOH A O   1 
HETATM 619 O O   . HOH B 2 .  ? 2.461   -14.122 0.224   1.00 32.06 ? 92  HOH A O   1 
HETATM 620 O O   . HOH B 2 .  ? -0.938  -9.292  -4.604  1.00 31.47 ? 93  HOH A O   1 
HETATM 621 O O   . HOH B 2 .  ? 3.379   10.870  6.126   1.00 34.88 ? 94  HOH A O   1 
HETATM 622 O O   . HOH B 2 .  ? 1.391   -12.827 -1.954  1.00 36.59 ? 95  HOH A O   1 
HETATM 623 O O   . HOH B 2 .  ? -3.010  -10.605 2.207   1.00 40.63 ? 96  HOH A O   1 
HETATM 624 O O   . HOH B 2 .  ? -3.368  -12.455 0.064   1.00 42.43 ? 97  HOH A O   1 
HETATM 625 O O   . HOH B 2 .  ? 2.316   -1.807  7.590   1.00 44.53 ? 98  HOH A O   1 
HETATM 626 O O   . HOH B 2 .  ? 1.228   -1.380  14.605  1.00 38.78 ? 99  HOH A O   1 
HETATM 627 O O   . HOH B 2 .  ? -8.447  -3.809  12.463  1.00 47.22 ? 100 HOH A O   1 
HETATM 628 O O   . HOH B 2 .  ? 1.237   -5.711  13.675  1.00 44.41 ? 101 HOH A O   1 
HETATM 629 O O   . HOH B 2 .  ? 11.968  -3.497  3.727   1.00 44.28 ? 102 HOH A O   1 
HETATM 630 O O   . HOH B 2 .  ? 3.522   4.337   -10.036 1.00 45.97 ? 103 HOH A O   1 
HETATM 631 O O   . HOH B 2 .  ? -1.778  6.206   10.170  1.00 45.29 ? 104 HOH A O   1 
HETATM 632 O O   . HOH B 2 .  ? 4.469   9.922   -1.136  1.00 45.33 ? 105 HOH A O   1 
HETATM 633 O O   . HOH B 2 .  ? 0.502   13.290  4.837   1.00 48.91 ? 106 HOH A O   1 
# 
